data_5F5I
#
_entry.id   5F5I
#
_cell.length_a   101.030
_cell.length_b   149.580
_cell.length_c   57.920
_cell.angle_alpha   90.000
_cell.angle_beta   90.000
_cell.angle_gamma   90.000
#
_symmetry.space_group_name_H-M   'P 21 21 2'
#
loop_
_entity.id
_entity.type
_entity.pdbx_description
1 polymer 'Lysine-specific demethylase 4A'
2 non-polymer 'NICKEL (II) ION'
3 non-polymer 'ZINC ION'
4 non-polymer 'SULFATE ION'
5 non-polymer '2-[[(phenylmethyl)amino]methyl]pyridine-4-carboxylic acid'
6 water water
#
_entity_poly.entity_id   1
_entity_poly.type   'polypeptide(L)'
_entity_poly.pdbx_seq_one_letter_code
;YFQSMASESETLNPSARIMTFYPTMEEFRNFSRYIAYIESQGAHRAGLAKVVPPKEWKPRASYDDIDDLVIPAPIQQLVT
GQSGLFTQYNIQKKAMTVREFRKIANSDKYCTPRYSEFEELERKYWKNLTFNPPIYGADVNGTLYEKHVDEWNIGRLRTI
LDLVEKESGITIEGVNTPYLYFGMWKTSFAWHTEDMDLYSINYLHFGEPKSWYSVPPEHGKRLERLAKGFFPGSAQSCEA
FLRHKMTLISPLMLKKYGIPFDKVTQEAGEFMITFPYGYHAGFNHGFNCAESTNFATRRWIEYGKQAVLCSCRKDMVKIS
MDVFVRKFQPERYKLWKAGKDNTVIDHTLPTPEAAEFLKESEL
;
_entity_poly.pdbx_strand_id   A,B
#
loop_
_chem_comp.id
_chem_comp.type
_chem_comp.name
_chem_comp.formula
5V1 non-polymer '2-[[(phenylmethyl)amino]methyl]pyridine-4-carboxylic acid' 'C14 H14 N2 O2'
NI non-polymer 'NICKEL (II) ION' 'Ni 2'
SO4 non-polymer 'SULFATE ION' 'O4 S -2'
ZN non-polymer 'ZINC ION' 'Zn 2'
#
# COMPACT_ATOMS: atom_id res chain seq x y z
N GLU A 8 8.18 2.71 -22.20
CA GLU A 8 9.38 1.86 -22.56
C GLU A 8 9.97 1.13 -21.35
N SER A 9 10.45 1.90 -20.38
CA SER A 9 10.92 1.36 -19.09
C SER A 9 9.74 0.95 -18.18
N GLU A 10 8.60 1.63 -18.33
CA GLU A 10 7.39 1.34 -17.55
C GLU A 10 6.72 0.00 -17.90
N THR A 11 7.01 -0.55 -19.07
CA THR A 11 6.54 -1.90 -19.44
C THR A 11 7.57 -3.02 -19.12
N LEU A 12 8.70 -2.67 -18.49
CA LEU A 12 9.71 -3.65 -18.02
C LEU A 12 9.56 -3.87 -16.52
N ASN A 13 9.58 -5.14 -16.11
CA ASN A 13 9.20 -5.60 -14.76
C ASN A 13 7.98 -4.85 -14.19
N PRO A 14 6.82 -4.93 -14.88
CA PRO A 14 5.62 -4.17 -14.49
C PRO A 14 5.09 -4.52 -13.09
N SER A 15 5.33 -5.75 -12.67
CA SER A 15 4.96 -6.19 -11.34
C SER A 15 5.88 -5.66 -10.23
N ALA A 16 7.10 -5.19 -10.58
CA ALA A 16 8.09 -4.69 -9.59
C ALA A 16 8.38 -5.79 -8.55
N ARG A 17 8.67 -6.98 -9.05
CA ARG A 17 9.01 -8.14 -8.23
C ARG A 17 10.49 -8.36 -8.23
N ILE A 18 11.00 -8.89 -7.11
CA ILE A 18 12.41 -9.18 -6.95
C ILE A 18 12.88 -10.18 -8.02
N MET A 19 13.88 -9.76 -8.79
CA MET A 19 14.45 -10.56 -9.86
C MET A 19 15.77 -11.16 -9.43
N THR A 20 16.18 -12.24 -10.09
CA THR A 20 17.38 -12.97 -9.74
C THR A 20 18.18 -13.18 -11.01
N PHE A 21 19.49 -12.93 -10.93
CA PHE A 21 20.36 -12.93 -12.10
C PHE A 21 21.52 -13.89 -11.90
N TYR A 22 22.02 -14.43 -13.01
CA TYR A 22 23.06 -15.45 -13.02
C TYR A 22 24.13 -15.08 -14.02
N PRO A 23 24.99 -14.09 -13.67
CA PRO A 23 26.02 -13.67 -14.61
C PRO A 23 27.04 -14.76 -14.90
N THR A 24 27.55 -14.76 -16.13
CA THR A 24 28.74 -15.53 -16.49
C THR A 24 29.95 -14.80 -15.88
N MET A 25 31.11 -15.43 -15.94
CA MET A 25 32.33 -14.81 -15.42
C MET A 25 32.68 -13.54 -16.20
N GLU A 26 32.47 -13.56 -17.52
CA GLU A 26 32.69 -12.39 -18.38
C GLU A 26 31.84 -11.20 -17.93
N GLU A 27 30.55 -11.45 -17.71
CA GLU A 27 29.60 -10.42 -17.26
C GLU A 27 29.91 -9.91 -15.86
N PHE A 28 30.34 -10.83 -15.00
CA PHE A 28 30.63 -10.55 -13.59
C PHE A 28 31.86 -9.64 -13.39
N ARG A 29 32.82 -9.66 -14.32
CA ARG A 29 34.07 -8.86 -14.20
C ARG A 29 33.87 -7.35 -14.07
N ASN A 30 32.86 -6.81 -14.78
CA ASN A 30 32.57 -5.38 -14.76
C ASN A 30 31.33 -5.09 -13.90
N PHE A 31 31.57 -4.60 -12.68
CA PHE A 31 30.51 -4.38 -11.69
C PHE A 31 29.47 -3.36 -12.15
N SER A 32 29.91 -2.11 -12.37
CA SER A 32 29.01 -1.01 -12.78
C SER A 32 28.25 -1.30 -14.05
N ARG A 33 28.87 -2.05 -14.96
CA ARG A 33 28.20 -2.45 -16.21
C ARG A 33 27.08 -3.46 -15.95
N TYR A 34 27.30 -4.40 -15.04
CA TYR A 34 26.25 -5.37 -14.71
C TYR A 34 25.09 -4.76 -13.92
N ILE A 35 25.37 -3.75 -13.09
CA ILE A 35 24.32 -3.00 -12.43
C ILE A 35 23.46 -2.29 -13.47
N ALA A 36 24.11 -1.60 -14.40
CA ALA A 36 23.42 -0.98 -15.52
C ALA A 36 22.58 -2.00 -16.30
N TYR A 37 23.15 -3.19 -16.57
CA TYR A 37 22.42 -4.25 -17.27
C TYR A 37 21.13 -4.65 -16.55
N ILE A 38 21.25 -5.00 -15.27
CA ILE A 38 20.07 -5.44 -14.51
C ILE A 38 19.00 -4.36 -14.38
N GLU A 39 19.42 -3.09 -14.38
CA GLU A 39 18.47 -1.99 -14.50
C GLU A 39 17.80 -1.96 -15.88
N SER A 40 18.55 -2.27 -16.94
CA SER A 40 17.96 -2.39 -18.27
C SER A 40 16.86 -3.44 -18.34
N GLN A 41 16.94 -4.44 -17.45
CA GLN A 41 15.89 -5.47 -17.27
C GLN A 41 14.78 -5.13 -16.27
N GLY A 42 14.80 -3.92 -15.69
CA GLY A 42 13.79 -3.51 -14.70
C GLY A 42 13.97 -4.02 -13.27
N ALA A 43 15.17 -4.48 -12.92
CA ALA A 43 15.43 -5.04 -11.57
C ALA A 43 15.14 -4.00 -10.49
N HIS A 44 15.66 -2.80 -10.71
CA HIS A 44 15.49 -1.65 -9.82
C HIS A 44 14.07 -1.28 -9.39
N ARG A 45 13.08 -1.63 -10.20
CA ARG A 45 11.69 -1.32 -9.86
C ARG A 45 11.22 -2.00 -8.57
N ALA A 46 11.75 -3.18 -8.29
CA ALA A 46 11.45 -3.91 -7.04
C ALA A 46 12.05 -3.24 -5.79
N GLY A 47 13.19 -2.56 -5.98
CA GLY A 47 13.94 -1.95 -4.89
C GLY A 47 15.08 -2.82 -4.39
N LEU A 48 15.08 -4.09 -4.78
CA LEU A 48 15.97 -5.12 -4.28
C LEU A 48 16.10 -6.20 -5.36
N ALA A 49 17.30 -6.74 -5.54
CA ALA A 49 17.56 -7.81 -6.53
C ALA A 49 18.65 -8.74 -6.07
N LYS A 50 18.55 -10.02 -6.42
CA LYS A 50 19.57 -11.01 -6.09
C LYS A 50 20.48 -11.28 -7.29
N VAL A 51 21.77 -11.41 -7.01
CA VAL A 51 22.76 -11.76 -8.02
C VAL A 51 23.59 -12.93 -7.52
N VAL A 52 23.42 -14.08 -8.19
CA VAL A 52 24.17 -15.30 -7.87
C VAL A 52 25.45 -15.29 -8.69
N PRO A 53 26.63 -15.23 -8.04
CA PRO A 53 27.87 -15.21 -8.81
C PRO A 53 28.17 -16.59 -9.40
N PRO A 54 29.04 -16.64 -10.43
CA PRO A 54 29.36 -17.92 -11.08
C PRO A 54 30.06 -18.88 -10.11
N LYS A 55 29.75 -20.17 -10.23
CA LYS A 55 30.18 -21.22 -9.27
C LYS A 55 31.68 -21.17 -8.97
N GLU A 56 32.50 -21.01 -10.01
CA GLU A 56 33.95 -20.90 -9.87
C GLU A 56 34.44 -19.80 -8.91
N TRP A 57 33.70 -18.70 -8.81
CA TRP A 57 34.14 -17.53 -8.06
C TRP A 57 34.04 -17.71 -6.54
N LYS A 58 35.08 -17.28 -5.85
CA LYS A 58 35.12 -17.25 -4.39
C LYS A 58 35.92 -16.00 -3.98
N PRO A 59 35.40 -15.20 -3.03
CA PRO A 59 36.13 -14.02 -2.55
C PRO A 59 37.23 -14.32 -1.50
N ARG A 60 37.28 -15.56 -1.00
CA ARG A 60 38.22 -15.96 0.02
C ARG A 60 38.48 -17.46 -0.03
N ALA A 61 39.73 -17.85 0.20
CA ALA A 61 40.13 -19.27 0.22
C ALA A 61 39.34 -20.09 1.23
N SER A 62 39.28 -19.61 2.49
CA SER A 62 38.46 -20.24 3.55
C SER A 62 38.23 -19.28 4.72
N TYR A 63 37.20 -19.56 5.52
CA TYR A 63 36.86 -18.73 6.68
C TYR A 63 37.27 -19.38 8.01
N ASP A 64 38.38 -20.11 7.99
CA ASP A 64 38.84 -20.92 9.13
C ASP A 64 39.72 -20.15 10.13
N ASP A 65 40.19 -18.98 9.72
CA ASP A 65 41.23 -18.23 10.44
C ASP A 65 40.70 -16.97 11.15
N ILE A 66 39.37 -16.86 11.31
CA ILE A 66 38.75 -15.61 11.76
C ILE A 66 38.07 -15.69 13.14
N ASP A 67 38.21 -16.82 13.83
CA ASP A 67 37.63 -16.97 15.18
C ASP A 67 38.15 -15.91 16.16
N ASP A 68 39.38 -15.43 15.93
CA ASP A 68 40.02 -14.42 16.78
C ASP A 68 39.67 -12.97 16.44
N LEU A 69 38.87 -12.73 15.39
CA LEU A 69 38.44 -11.39 15.00
C LEU A 69 37.49 -10.79 16.05
N VAL A 70 37.73 -9.53 16.40
CA VAL A 70 36.99 -8.85 17.46
C VAL A 70 35.74 -8.17 16.89
N ILE A 71 34.61 -8.40 17.55
CA ILE A 71 33.38 -7.63 17.35
C ILE A 71 33.37 -6.58 18.48
N PRO A 72 33.75 -5.32 18.19
CA PRO A 72 33.91 -4.34 19.27
C PRO A 72 32.63 -3.88 19.97
N ALA A 73 31.55 -3.67 19.22
CA ALA A 73 30.29 -3.15 19.76
C ALA A 73 29.11 -4.06 19.38
N PRO A 74 29.04 -5.26 19.97
CA PRO A 74 27.87 -6.10 19.74
C PRO A 74 26.63 -5.51 20.41
N ILE A 75 25.48 -5.75 19.79
CA ILE A 75 24.25 -5.09 20.13
C ILE A 75 23.24 -6.14 20.55
N GLN A 76 22.62 -5.98 21.71
CA GLN A 76 21.45 -6.77 22.08
C GLN A 76 20.18 -6.06 21.61
N GLN A 77 19.32 -6.79 20.89
CA GLN A 77 18.16 -6.21 20.22
C GLN A 77 16.89 -6.46 21.02
N LEU A 78 16.46 -5.45 21.76
CA LEU A 78 15.19 -5.52 22.49
C LEU A 78 14.06 -4.88 21.70
N VAL A 79 12.95 -5.62 21.59
CA VAL A 79 11.85 -5.24 20.74
C VAL A 79 10.58 -5.17 21.57
N THR A 80 9.83 -4.09 21.40
CA THR A 80 8.56 -3.87 22.06
C THR A 80 7.46 -3.62 21.00
N GLY A 81 6.31 -4.26 21.17
CA GLY A 81 5.17 -4.03 20.30
C GLY A 81 4.13 -5.13 20.22
N GLN A 82 3.22 -4.99 19.25
CA GLN A 82 2.07 -5.86 19.07
C GLN A 82 1.43 -5.56 17.72
N SER A 83 0.61 -6.51 17.22
CA SER A 83 -0.18 -6.31 15.99
C SER A 83 0.69 -5.95 14.77
N GLY A 84 1.87 -6.55 14.71
CA GLY A 84 2.79 -6.33 13.59
C GLY A 84 3.55 -5.02 13.57
N LEU A 85 3.46 -4.20 14.63
CA LEU A 85 4.18 -2.93 14.73
C LEU A 85 5.12 -2.95 15.92
N PHE A 86 6.41 -2.78 15.67
CA PHE A 86 7.40 -2.85 16.72
C PHE A 86 8.45 -1.76 16.62
N THR A 87 8.98 -1.35 17.78
CA THR A 87 10.16 -0.50 17.89
C THR A 87 11.30 -1.33 18.50
N GLN A 88 12.47 -1.24 17.91
CA GLN A 88 13.66 -1.99 18.32
C GLN A 88 14.69 -1.07 18.99
N TYR A 89 15.08 -1.43 20.21
CA TYR A 89 16.04 -0.67 21.00
C TYR A 89 17.34 -1.46 21.10
N ASN A 90 18.47 -0.78 20.89
CA ASN A 90 19.80 -1.40 20.96
C ASN A 90 20.44 -1.20 22.31
N ILE A 91 20.97 -2.28 22.87
CA ILE A 91 21.79 -2.20 24.07
C ILE A 91 23.17 -2.65 23.65
N GLN A 92 24.15 -1.75 23.76
CA GLN A 92 25.54 -2.07 23.47
C GLN A 92 26.14 -2.96 24.58
N LYS A 93 26.81 -4.04 24.15
CA LYS A 93 27.45 -5.00 25.04
C LYS A 93 28.95 -4.91 24.88
N LYS A 94 29.68 -5.52 25.82
CA LYS A 94 31.13 -5.53 25.75
C LYS A 94 31.61 -6.33 24.55
N ALA A 95 32.79 -5.95 24.05
CA ALA A 95 33.38 -6.59 22.88
C ALA A 95 33.54 -8.08 23.04
N MET A 96 33.46 -8.81 21.93
CA MET A 96 33.68 -10.25 21.95
C MET A 96 34.25 -10.72 20.64
N THR A 97 34.78 -11.92 20.66
CA THR A 97 35.36 -12.53 19.47
C THR A 97 34.27 -13.27 18.70
N VAL A 98 34.62 -13.74 17.51
CA VAL A 98 33.71 -14.54 16.69
C VAL A 98 33.41 -15.89 17.36
N ARG A 99 34.42 -16.53 17.97
CA ARG A 99 34.20 -17.80 18.66
C ARG A 99 33.20 -17.68 19.81
N GLU A 100 33.31 -16.61 20.59
CA GLU A 100 32.41 -16.38 21.71
C GLU A 100 31.00 -16.15 21.17
N PHE A 101 30.90 -15.38 20.08
CA PHE A 101 29.64 -15.12 19.41
C PHE A 101 29.01 -16.39 18.83
N ARG A 102 29.81 -17.21 18.15
CA ARG A 102 29.32 -18.48 17.57
C ARG A 102 28.79 -19.46 18.62
N LYS A 103 29.48 -19.55 19.77
CA LYS A 103 29.02 -20.42 20.86
C LYS A 103 27.68 -19.93 21.38
N ILE A 104 27.54 -18.63 21.59
CA ILE A 104 26.27 -18.04 22.02
C ILE A 104 25.19 -18.32 20.98
N ALA A 105 25.49 -18.07 19.71
CA ALA A 105 24.53 -18.21 18.62
C ALA A 105 24.03 -19.65 18.43
N ASN A 106 24.92 -20.63 18.57
CA ASN A 106 24.57 -22.04 18.38
C ASN A 106 24.13 -22.73 19.67
N SER A 107 24.14 -22.03 20.80
CA SER A 107 23.66 -22.57 22.07
C SER A 107 22.14 -22.75 22.04
N ASP A 108 21.65 -23.59 22.94
CA ASP A 108 20.24 -23.96 22.98
C ASP A 108 19.32 -22.77 23.22
N LYS A 109 19.78 -21.81 24.01
CA LYS A 109 19.00 -20.61 24.30
C LYS A 109 18.73 -19.74 23.05
N TYR A 110 19.74 -19.58 22.18
CA TYR A 110 19.67 -18.62 21.06
C TYR A 110 19.62 -19.24 19.65
N CYS A 111 19.77 -20.56 19.51
CA CYS A 111 19.84 -21.19 18.19
C CYS A 111 18.50 -21.25 17.47
N THR A 112 18.57 -21.56 16.18
CA THR A 112 17.41 -21.62 15.31
C THR A 112 16.46 -22.72 15.76
N PRO A 113 15.15 -22.42 15.87
CA PRO A 113 14.19 -23.49 16.16
C PRO A 113 13.97 -24.39 14.94
N ARG A 114 13.51 -25.60 15.19
CA ARG A 114 13.27 -26.58 14.12
C ARG A 114 12.05 -26.17 13.31
N TYR A 115 12.05 -26.53 12.03
CA TYR A 115 10.95 -26.20 11.11
C TYR A 115 11.07 -27.01 9.82
N SER A 116 10.08 -26.85 8.94
CA SER A 116 10.09 -27.48 7.60
C SER A 116 10.36 -26.45 6.49
N GLU A 117 9.38 -25.59 6.18
CA GLU A 117 9.54 -24.55 5.16
C GLU A 117 9.79 -23.17 5.79
N PHE A 118 10.34 -22.27 4.97
CA PHE A 118 10.56 -20.87 5.37
C PHE A 118 9.32 -20.22 5.97
N GLU A 119 8.14 -20.52 5.42
CA GLU A 119 6.87 -19.95 5.92
C GLU A 119 6.69 -20.18 7.44
N GLU A 120 7.05 -21.36 7.92
CA GLU A 120 6.98 -21.70 9.33
C GLU A 120 7.98 -20.90 10.16
N LEU A 121 9.20 -20.79 9.67
CA LEU A 121 10.24 -20.02 10.36
C LEU A 121 9.89 -18.53 10.42
N GLU A 122 9.29 -18.05 9.33
CA GLU A 122 8.79 -16.69 9.23
C GLU A 122 7.70 -16.42 10.25
N ARG A 123 6.74 -17.33 10.37
CA ARG A 123 5.69 -17.24 11.40
C ARG A 123 6.29 -17.21 12.81
N LYS A 124 7.32 -18.01 13.05
CA LYS A 124 8.02 -18.04 14.35
C LYS A 124 8.77 -16.76 14.65
N TYR A 125 9.44 -16.20 13.64
CA TYR A 125 10.09 -14.89 13.78
C TYR A 125 9.10 -13.85 14.28
N TRP A 126 8.02 -13.66 13.54
CA TRP A 126 7.01 -12.64 13.89
C TRP A 126 6.25 -12.93 15.19
N LYS A 127 6.18 -14.20 15.58
CA LYS A 127 5.56 -14.62 16.84
C LYS A 127 6.46 -14.36 18.07
N ASN A 128 7.77 -14.56 17.90
CA ASN A 128 8.72 -14.54 19.03
C ASN A 128 9.68 -13.38 19.03
N LEU A 129 9.35 -12.36 18.26
CA LEU A 129 10.20 -11.22 18.00
C LEU A 129 10.62 -10.48 19.26
N THR A 130 9.68 -10.39 20.21
CA THR A 130 9.86 -9.61 21.44
C THR A 130 10.39 -10.43 22.60
N PHE A 131 10.59 -11.73 22.39
CA PHE A 131 11.07 -12.63 23.44
C PHE A 131 12.52 -12.98 23.22
N ASN A 132 13.19 -13.41 24.29
CA ASN A 132 14.56 -13.88 24.27
C ASN A 132 15.47 -13.06 23.33
N PRO A 133 15.70 -11.77 23.68
CA PRO A 133 16.37 -10.85 22.77
C PRO A 133 17.76 -11.33 22.36
N PRO A 134 18.01 -11.42 21.03
CA PRO A 134 19.29 -11.91 20.54
C PRO A 134 20.37 -10.84 20.55
N ILE A 135 21.58 -11.24 20.16
CA ILE A 135 22.72 -10.34 20.07
C ILE A 135 23.21 -10.35 18.62
N TYR A 136 23.43 -9.16 18.07
CA TYR A 136 23.84 -8.97 16.69
C TYR A 136 25.22 -8.35 16.66
N GLY A 137 26.15 -9.01 15.97
CA GLY A 137 27.49 -8.47 15.77
C GLY A 137 27.55 -7.55 14.57
N ALA A 138 26.93 -6.38 14.71
CA ALA A 138 26.65 -5.49 13.58
C ALA A 138 27.66 -4.38 13.48
N ASP A 139 27.79 -3.83 12.28
CA ASP A 139 28.55 -2.60 12.01
C ASP A 139 30.03 -2.72 12.37
N VAL A 140 30.63 -3.85 12.02
CA VAL A 140 32.06 -4.13 12.25
C VAL A 140 32.89 -3.70 11.02
N ASN A 141 33.71 -2.66 11.19
CA ASN A 141 34.62 -2.21 10.14
C ASN A 141 35.55 -3.34 9.71
N GLY A 142 35.61 -3.60 8.41
CA GLY A 142 36.45 -4.66 7.87
C GLY A 142 35.86 -5.32 6.63
N THR A 143 36.70 -6.15 5.99
CA THR A 143 36.31 -6.96 4.83
C THR A 143 36.90 -8.35 5.02
N LEU A 144 36.23 -9.35 4.45
CA LEU A 144 36.77 -10.72 4.37
C LEU A 144 37.22 -11.08 2.93
N TYR A 145 37.19 -10.10 2.02
CA TYR A 145 37.73 -10.29 0.68
C TYR A 145 39.25 -10.34 0.79
N GLU A 146 39.86 -11.27 0.05
CA GLU A 146 41.30 -11.39 0.01
C GLU A 146 41.81 -10.26 -0.91
N LYS A 147 42.88 -9.59 -0.49
CA LYS A 147 43.48 -8.41 -1.17
C LYS A 147 43.48 -8.40 -2.73
N HIS A 148 43.60 -9.58 -3.33
CA HIS A 148 43.82 -9.72 -4.77
C HIS A 148 42.53 -9.89 -5.62
N VAL A 149 41.38 -10.09 -4.98
CA VAL A 149 40.12 -10.34 -5.69
C VAL A 149 39.56 -9.04 -6.29
N ASP A 150 39.46 -8.98 -7.62
CA ASP A 150 39.09 -7.75 -8.34
C ASP A 150 37.60 -7.64 -8.75
N GLU A 151 36.86 -8.74 -8.67
CA GLU A 151 35.46 -8.78 -9.12
C GLU A 151 34.55 -8.57 -7.91
N TRP A 152 33.73 -7.52 -7.96
CA TRP A 152 32.72 -7.23 -6.92
C TRP A 152 33.34 -7.12 -5.52
N ASN A 153 34.51 -6.51 -5.43
CA ASN A 153 35.18 -6.28 -4.15
C ASN A 153 34.54 -5.11 -3.40
N ILE A 154 33.82 -5.43 -2.31
CA ILE A 154 33.03 -4.45 -1.54
C ILE A 154 33.91 -3.32 -0.98
N GLY A 155 35.16 -3.63 -0.68
CA GLY A 155 36.13 -2.64 -0.24
C GLY A 155 36.52 -1.59 -1.27
N ARG A 156 36.47 -1.97 -2.56
CA ARG A 156 36.91 -1.09 -3.66
C ARG A 156 36.14 -1.33 -4.98
N LEU A 157 34.84 -1.07 -4.95
CA LEU A 157 33.99 -1.17 -6.15
C LEU A 157 34.29 -0.11 -7.22
N ARG A 158 34.78 1.04 -6.82
CA ARG A 158 35.23 2.08 -7.74
C ARG A 158 34.10 2.72 -8.57
N THR A 159 33.00 3.05 -7.89
CA THR A 159 31.89 3.76 -8.51
C THR A 159 32.09 5.25 -8.27
N ILE A 160 31.18 6.07 -8.79
CA ILE A 160 31.25 7.51 -8.60
C ILE A 160 31.05 8.00 -7.15
N LEU A 161 30.59 7.13 -6.25
CA LEU A 161 30.60 7.45 -4.81
C LEU A 161 32.01 7.78 -4.31
N ASP A 162 33.05 7.26 -4.97
CA ASP A 162 34.45 7.62 -4.69
C ASP A 162 34.78 9.12 -4.81
N LEU A 163 33.93 9.90 -5.47
CA LEU A 163 34.04 11.36 -5.47
C LEU A 163 33.98 12.02 -4.09
N VAL A 164 33.52 11.32 -3.06
CA VAL A 164 33.42 11.92 -1.75
C VAL A 164 34.78 11.89 -1.05
N GLU A 165 35.44 10.74 -1.10
CA GLU A 165 36.80 10.60 -0.56
C GLU A 165 37.79 11.44 -1.39
N LYS A 166 37.73 11.30 -2.71
CA LYS A 166 38.60 12.05 -3.65
C LYS A 166 38.57 13.56 -3.41
N GLU A 167 37.35 14.10 -3.22
CA GLU A 167 37.16 15.54 -3.03
C GLU A 167 37.56 16.00 -1.62
N SER A 168 36.84 15.54 -0.61
CA SER A 168 36.96 16.04 0.78
C SER A 168 37.91 15.27 1.72
N GLY A 169 38.33 14.06 1.32
CA GLY A 169 39.10 13.17 2.19
C GLY A 169 38.30 12.33 3.19
N ILE A 170 36.98 12.51 3.23
CA ILE A 170 36.14 11.93 4.28
C ILE A 170 35.79 10.49 3.99
N THR A 171 35.98 9.63 4.98
CA THR A 171 35.43 8.29 4.97
C THR A 171 34.32 8.19 6.03
N ILE A 172 33.14 7.72 5.64
CA ILE A 172 32.05 7.45 6.57
C ILE A 172 31.98 5.93 6.72
N GLU A 173 32.22 5.43 7.94
CA GLU A 173 32.29 3.99 8.21
C GLU A 173 31.01 3.28 7.75
N GLY A 174 31.16 2.25 6.92
CA GLY A 174 30.03 1.58 6.29
C GLY A 174 29.58 2.16 4.94
N VAL A 175 29.59 3.48 4.81
CA VAL A 175 29.08 4.16 3.62
C VAL A 175 30.02 3.99 2.40
N ASN A 176 31.21 4.60 2.45
CA ASN A 176 32.23 4.36 1.43
C ASN A 176 33.32 3.35 1.88
N THR A 177 33.14 2.74 3.06
CA THR A 177 33.98 1.64 3.55
C THR A 177 33.10 0.42 3.84
N PRO A 178 33.70 -0.79 3.90
CA PRO A 178 32.90 -2.01 4.13
C PRO A 178 32.63 -2.29 5.62
N TYR A 179 31.51 -2.95 5.88
CA TYR A 179 31.07 -3.33 7.22
C TYR A 179 30.73 -4.82 7.20
N LEU A 180 30.96 -5.50 8.30
CA LEU A 180 30.65 -6.92 8.46
C LEU A 180 29.53 -7.10 9.48
N TYR A 181 28.68 -8.10 9.25
CA TYR A 181 27.49 -8.37 10.08
C TYR A 181 27.45 -9.84 10.47
N PHE A 182 27.67 -10.11 11.76
CA PHE A 182 27.58 -11.47 12.31
C PHE A 182 26.22 -11.66 12.95
N GLY A 183 25.39 -12.50 12.33
CA GLY A 183 24.02 -12.72 12.79
C GLY A 183 23.89 -13.99 13.61
N MET A 184 22.82 -14.04 14.41
CA MET A 184 22.29 -15.28 14.98
C MET A 184 20.81 -15.28 14.66
N TRP A 185 20.10 -16.34 15.08
CA TRP A 185 18.66 -16.45 14.83
C TRP A 185 17.93 -15.26 15.42
N LYS A 186 17.01 -14.72 14.64
CA LYS A 186 16.07 -13.69 15.08
C LYS A 186 16.68 -12.29 15.17
N THR A 187 17.93 -12.12 14.73
CA THR A 187 18.50 -10.76 14.60
C THR A 187 17.86 -10.11 13.38
N SER A 188 17.53 -8.83 13.54
CA SER A 188 16.72 -8.09 12.56
C SER A 188 17.44 -6.86 12.03
N PHE A 189 17.13 -6.49 10.80
CA PHE A 189 17.42 -5.14 10.32
C PHE A 189 16.08 -4.48 9.99
N ALA A 190 15.87 -3.32 10.58
CA ALA A 190 14.62 -2.58 10.50
C ALA A 190 14.38 -1.96 9.11
N TRP A 191 13.15 -1.50 8.87
CA TRP A 191 12.78 -0.84 7.62
C TRP A 191 13.58 0.44 7.36
N HIS A 192 14.26 0.50 6.23
CA HIS A 192 14.98 1.70 5.85
C HIS A 192 15.35 1.75 4.37
N THR A 193 15.61 2.97 3.92
CA THR A 193 16.43 3.21 2.76
C THR A 193 17.85 3.50 3.23
N GLU A 194 18.80 3.42 2.30
CA GLU A 194 20.20 3.75 2.58
C GLU A 194 20.38 5.22 2.87
N ASP A 195 21.50 5.56 3.52
CA ASP A 195 21.89 6.95 3.71
C ASP A 195 21.96 7.64 2.36
N MET A 196 21.39 8.85 2.29
CA MET A 196 21.31 9.62 1.03
C MET A 196 20.57 8.87 -0.10
N ASP A 197 19.73 7.90 0.27
CA ASP A 197 19.05 7.01 -0.66
C ASP A 197 19.99 6.43 -1.72
N LEU A 198 21.16 5.95 -1.26
CA LEU A 198 22.16 5.30 -2.11
C LEU A 198 21.75 3.88 -2.48
N TYR A 199 22.56 3.26 -3.33
CA TYR A 199 22.48 1.82 -3.55
C TYR A 199 23.21 1.14 -2.40
N SER A 200 22.99 -0.16 -2.23
CA SER A 200 23.86 -0.95 -1.39
C SER A 200 24.09 -2.31 -2.02
N ILE A 201 25.14 -2.96 -1.55
CA ILE A 201 25.52 -4.31 -1.97
C ILE A 201 25.74 -5.09 -0.68
N ASN A 202 25.11 -6.26 -0.57
CA ASN A 202 25.28 -7.15 0.60
C ASN A 202 25.68 -8.54 0.08
N TYR A 203 26.80 -9.06 0.58
CA TYR A 203 27.23 -10.42 0.30
C TYR A 203 27.21 -11.24 1.57
N LEU A 204 26.53 -12.38 1.54
CA LEU A 204 26.52 -13.31 2.66
C LEU A 204 27.68 -14.28 2.51
N HIS A 205 28.72 -14.11 3.34
CA HIS A 205 29.94 -14.91 3.23
C HIS A 205 29.74 -16.39 3.55
N PHE A 206 29.05 -16.67 4.66
CA PHE A 206 28.80 -18.05 5.07
C PHE A 206 27.67 -18.11 6.09
N GLY A 207 27.18 -19.34 6.31
CA GLY A 207 26.28 -19.62 7.42
C GLY A 207 24.84 -19.66 6.96
N GLU A 208 23.94 -19.46 7.93
CA GLU A 208 22.51 -19.61 7.68
C GLU A 208 21.93 -18.46 6.86
N PRO A 209 20.76 -18.68 6.23
CA PRO A 209 20.22 -17.64 5.35
C PRO A 209 19.80 -16.34 6.03
N LYS A 210 19.68 -15.29 5.22
CA LYS A 210 19.18 -13.98 5.63
C LYS A 210 17.97 -13.70 4.76
N SER A 211 16.82 -13.43 5.37
CA SER A 211 15.61 -13.16 4.60
C SER A 211 15.33 -11.66 4.55
N TRP A 212 14.79 -11.21 3.42
CA TRP A 212 14.56 -9.80 3.13
C TRP A 212 13.11 -9.56 2.76
N TYR A 213 12.63 -8.36 3.11
CA TYR A 213 11.38 -7.80 2.58
C TYR A 213 11.73 -6.54 1.81
N SER A 214 10.95 -6.21 0.77
CA SER A 214 11.21 -5.02 -0.05
CA SER A 214 11.21 -5.01 -0.02
C SER A 214 9.91 -4.35 -0.49
N VAL A 215 9.92 -3.03 -0.50
CA VAL A 215 8.84 -2.23 -1.06
C VAL A 215 9.41 -1.50 -2.29
N PRO A 216 8.73 -1.60 -3.47
CA PRO A 216 9.18 -0.84 -4.65
C PRO A 216 9.36 0.65 -4.36
N PRO A 217 10.45 1.27 -4.87
CA PRO A 217 10.64 2.72 -4.75
C PRO A 217 9.46 3.58 -5.20
N GLU A 218 8.71 3.14 -6.21
CA GLU A 218 7.49 3.82 -6.61
C GLU A 218 6.33 3.75 -5.60
N HIS A 219 6.44 2.92 -4.56
CA HIS A 219 5.47 2.92 -3.46
C HIS A 219 6.08 3.26 -2.09
N GLY A 220 7.34 3.71 -2.07
CA GLY A 220 7.99 4.10 -0.84
C GLY A 220 7.24 5.13 -0.03
N LYS A 221 6.67 6.11 -0.71
CA LYS A 221 5.90 7.16 -0.06
C LYS A 221 4.64 6.62 0.63
N ARG A 222 4.03 5.56 0.07
CA ARG A 222 2.87 4.91 0.71
CA ARG A 222 2.87 4.91 0.71
C ARG A 222 3.28 4.34 2.07
N LEU A 223 4.43 3.69 2.12
CA LEU A 223 4.97 3.15 3.37
C LEU A 223 5.24 4.22 4.41
N GLU A 224 5.85 5.34 3.97
CA GLU A 224 6.16 6.46 4.87
C GLU A 224 4.91 7.05 5.51
N ARG A 225 3.85 7.21 4.73
CA ARG A 225 2.55 7.69 5.24
C ARG A 225 1.97 6.76 6.30
N LEU A 226 2.11 5.46 6.06
CA LEU A 226 1.64 4.45 6.98
C LEU A 226 2.40 4.53 8.31
N ALA A 227 3.73 4.55 8.19
CA ALA A 227 4.61 4.70 9.35
C ALA A 227 4.33 5.99 10.15
N LYS A 228 4.11 7.10 9.44
CA LYS A 228 3.76 8.37 10.11
C LYS A 228 2.46 8.32 10.89
N GLY A 229 1.48 7.61 10.35
CA GLY A 229 0.20 7.42 11.03
C GLY A 229 0.34 6.62 12.29
N PHE A 230 1.15 5.56 12.25
CA PHE A 230 1.38 4.70 13.43
C PHE A 230 2.34 5.24 14.49
N PHE A 231 3.25 6.13 14.12
CA PHE A 231 4.22 6.71 15.06
C PHE A 231 4.21 8.25 14.97
N PRO A 232 3.06 8.88 15.33
CA PRO A 232 2.92 10.34 15.15
C PRO A 232 3.90 11.19 15.98
N GLY A 233 4.27 10.72 17.16
CA GLY A 233 5.27 11.39 17.98
C GLY A 233 6.65 11.39 17.35
N SER A 234 7.06 10.23 16.84
CA SER A 234 8.31 10.08 16.10
C SER A 234 8.35 10.95 14.86
N ALA A 235 7.25 10.95 14.11
CA ALA A 235 7.11 11.81 12.94
C ALA A 235 7.23 13.28 13.31
N GLN A 236 6.60 13.67 14.41
CA GLN A 236 6.62 15.05 14.88
C GLN A 236 8.04 15.54 15.20
N SER A 237 8.86 14.69 15.83
CA SER A 237 10.23 15.07 16.23
C SER A 237 11.33 14.71 15.22
N CYS A 238 11.00 14.04 14.12
CA CYS A 238 11.99 13.83 13.06
C CYS A 238 11.35 13.68 11.68
N GLU A 239 11.90 14.41 10.71
CA GLU A 239 11.42 14.38 9.33
C GLU A 239 11.66 13.05 8.62
N ALA A 240 12.56 12.22 9.12
CA ALA A 240 12.87 10.92 8.51
C ALA A 240 13.21 9.85 9.57
N PHE A 241 12.27 9.61 10.49
CA PHE A 241 12.53 8.75 11.66
C PHE A 241 12.84 7.29 11.31
N LEU A 242 12.41 6.83 10.13
CA LEU A 242 12.78 5.51 9.64
C LEU A 242 14.29 5.33 9.48
N ARG A 243 15.01 6.42 9.25
CA ARG A 243 16.48 6.37 9.20
C ARG A 243 17.13 6.01 10.54
N HIS A 244 16.39 6.10 11.66
CA HIS A 244 16.89 5.59 12.96
C HIS A 244 17.02 4.08 12.99
N LYS A 245 16.37 3.39 12.06
CA LYS A 245 16.51 1.94 11.88
C LYS A 245 16.01 1.17 13.10
N MET A 246 14.92 1.66 13.67
CA MET A 246 14.29 1.08 14.84
C MET A 246 12.90 0.50 14.56
N THR A 247 12.34 0.72 13.37
CA THR A 247 10.93 0.42 13.12
C THR A 247 10.74 -0.89 12.35
N LEU A 248 9.99 -1.81 12.96
CA LEU A 248 9.73 -3.13 12.40
C LEU A 248 8.24 -3.27 12.08
N ILE A 249 7.93 -3.70 10.86
CA ILE A 249 6.57 -3.77 10.35
C ILE A 249 6.41 -5.12 9.64
N SER A 250 5.44 -5.91 10.09
CA SER A 250 5.26 -7.28 9.59
C SER A 250 4.61 -7.28 8.20
N PRO A 251 4.86 -8.34 7.41
CA PRO A 251 4.24 -8.39 6.09
C PRO A 251 2.70 -8.36 6.13
N LEU A 252 2.11 -8.94 7.18
CA LEU A 252 0.66 -8.87 7.37
C LEU A 252 0.11 -7.45 7.56
N MET A 253 0.86 -6.58 8.25
CA MET A 253 0.46 -5.18 8.34
C MET A 253 0.55 -4.46 7.00
N LEU A 254 1.57 -4.78 6.21
CA LEU A 254 1.72 -4.16 4.90
C LEU A 254 0.57 -4.58 3.99
N LYS A 255 0.23 -5.86 4.05
CA LYS A 255 -0.86 -6.43 3.26
C LYS A 255 -2.20 -5.81 3.66
N LYS A 256 -2.41 -5.62 4.96
CA LYS A 256 -3.62 -5.02 5.50
C LYS A 256 -3.86 -3.58 5.07
N TYR A 257 -2.80 -2.79 4.91
CA TYR A 257 -2.93 -1.41 4.45
C TYR A 257 -2.51 -1.21 2.99
N GLY A 258 -2.60 -2.27 2.20
CA GLY A 258 -2.39 -2.21 0.76
C GLY A 258 -1.05 -1.70 0.27
N ILE A 259 0.00 -1.89 1.07
CA ILE A 259 1.36 -1.55 0.66
C ILE A 259 1.90 -2.75 -0.14
N PRO A 260 2.31 -2.53 -1.39
CA PRO A 260 2.95 -3.62 -2.16
C PRO A 260 4.32 -3.95 -1.64
N PHE A 261 4.67 -5.23 -1.68
CA PHE A 261 5.97 -5.68 -1.22
C PHE A 261 6.27 -7.08 -1.76
N ASP A 262 7.53 -7.47 -1.65
CA ASP A 262 7.95 -8.82 -2.00
C ASP A 262 8.90 -9.34 -0.91
N LYS A 263 9.16 -10.64 -0.93
CA LYS A 263 10.14 -11.28 -0.05
C LYS A 263 11.09 -12.15 -0.83
N VAL A 264 12.25 -12.38 -0.25
CA VAL A 264 13.26 -13.25 -0.83
C VAL A 264 14.26 -13.64 0.26
N THR A 265 14.71 -14.89 0.20
CA THR A 265 15.68 -15.41 1.16
C THR A 265 17.03 -15.47 0.45
N GLN A 266 18.03 -14.84 1.08
CA GLN A 266 19.41 -14.80 0.58
C GLN A 266 20.16 -15.97 1.19
N GLU A 267 20.95 -16.67 0.38
CA GLU A 267 21.71 -17.82 0.85
C GLU A 267 23.20 -17.55 0.78
N ALA A 268 23.98 -18.35 1.49
CA ALA A 268 25.42 -18.19 1.54
C ALA A 268 26.03 -18.20 0.14
N GLY A 269 26.93 -17.25 -0.11
CA GLY A 269 27.54 -17.07 -1.43
C GLY A 269 26.74 -16.29 -2.45
N GLU A 270 25.67 -15.63 -2.02
CA GLU A 270 24.80 -14.83 -2.91
C GLU A 270 24.84 -13.35 -2.55
N PHE A 271 24.63 -12.50 -3.56
CA PHE A 271 24.59 -11.04 -3.41
C PHE A 271 23.17 -10.51 -3.44
N MET A 272 22.92 -9.49 -2.63
CA MET A 272 21.70 -8.67 -2.73
C MET A 272 22.12 -7.23 -3.03
N ILE A 273 21.47 -6.63 -4.02
CA ILE A 273 21.61 -5.20 -4.34
C ILE A 273 20.31 -4.51 -3.94
N THR A 274 20.42 -3.44 -3.16
CA THR A 274 19.28 -2.55 -2.95
C THR A 274 19.49 -1.29 -3.79
N PHE A 275 18.38 -0.73 -4.28
CA PHE A 275 18.39 0.38 -5.20
C PHE A 275 17.92 1.67 -4.52
N PRO A 276 18.26 2.83 -5.09
CA PRO A 276 17.86 4.10 -4.48
C PRO A 276 16.36 4.17 -4.10
N TYR A 277 16.11 4.56 -2.84
CA TYR A 277 14.78 4.69 -2.28
C TYR A 277 14.02 3.34 -2.18
N GLY A 278 14.76 2.25 -2.14
CA GLY A 278 14.19 0.92 -1.98
C GLY A 278 14.14 0.59 -0.49
N TYR A 279 12.99 0.80 0.13
CA TYR A 279 12.80 0.42 1.52
C TYR A 279 12.93 -1.10 1.68
N HIS A 280 13.66 -1.53 2.72
CA HIS A 280 13.81 -2.95 3.03
C HIS A 280 14.06 -3.26 4.50
N ALA A 281 13.77 -4.51 4.85
CA ALA A 281 13.93 -5.01 6.21
C ALA A 281 14.08 -6.52 6.15
N GLY A 282 14.47 -7.12 7.27
CA GLY A 282 14.58 -8.56 7.34
C GLY A 282 15.19 -9.11 8.61
N PHE A 283 15.56 -10.38 8.55
CA PHE A 283 16.13 -11.09 9.68
C PHE A 283 17.06 -12.20 9.25
N ASN A 284 17.92 -12.62 10.20
CA ASN A 284 18.81 -13.75 10.01
C ASN A 284 18.21 -15.04 10.57
N HIS A 285 18.42 -16.14 9.85
CA HIS A 285 17.93 -17.47 10.23
C HIS A 285 18.72 -18.09 11.37
N GLY A 286 20.01 -17.79 11.43
CA GLY A 286 20.91 -18.41 12.39
C GLY A 286 22.29 -17.81 12.23
N PHE A 287 23.29 -18.53 12.70
CA PHE A 287 24.65 -18.01 12.69
C PHE A 287 25.14 -17.81 11.25
N ASN A 288 25.56 -16.58 10.95
CA ASN A 288 26.06 -16.23 9.61
C ASN A 288 26.94 -15.00 9.63
N CYS A 289 27.49 -14.66 8.46
CA CYS A 289 28.33 -13.47 8.31
C CYS A 289 28.09 -12.80 6.97
N ALA A 290 27.78 -11.50 7.00
CA ALA A 290 27.48 -10.70 5.81
C ALA A 290 28.40 -9.50 5.72
N GLU A 291 28.73 -9.09 4.49
CA GLU A 291 29.54 -7.90 4.24
C GLU A 291 28.78 -6.95 3.34
N SER A 292 28.80 -5.66 3.67
CA SER A 292 28.10 -4.67 2.85
C SER A 292 28.67 -3.25 2.87
N THR A 293 28.27 -2.47 1.86
CA THR A 293 28.63 -1.05 1.74
C THR A 293 27.67 -0.36 0.75
N ASN A 294 27.75 0.96 0.67
CA ASN A 294 26.98 1.72 -0.31
C ASN A 294 27.77 1.97 -1.60
N PHE A 295 27.05 2.26 -2.67
CA PHE A 295 27.64 2.69 -3.93
C PHE A 295 26.62 3.50 -4.71
N ALA A 296 27.02 4.02 -5.85
CA ALA A 296 26.20 4.95 -6.63
C ALA A 296 26.32 4.72 -8.14
N THR A 297 25.38 5.30 -8.88
CA THR A 297 25.44 5.41 -10.34
C THR A 297 25.05 6.84 -10.67
N ARG A 298 25.08 7.19 -11.96
CA ARG A 298 24.67 8.55 -12.36
C ARG A 298 23.20 8.83 -12.01
N ARG A 299 22.38 7.78 -12.03
CA ARG A 299 20.97 7.90 -11.68
C ARG A 299 20.73 8.24 -10.20
N TRP A 300 21.61 7.78 -9.32
CA TRP A 300 21.53 8.13 -7.90
C TRP A 300 21.49 9.64 -7.63
N ILE A 301 22.26 10.41 -8.38
CA ILE A 301 22.45 11.83 -8.09
C ILE A 301 21.16 12.58 -7.77
N GLU A 302 20.12 12.35 -8.56
CA GLU A 302 18.85 13.05 -8.35
C GLU A 302 18.20 12.59 -7.04
N TYR A 303 18.26 11.29 -6.77
CA TYR A 303 17.82 10.75 -5.48
C TYR A 303 18.57 11.40 -4.32
N GLY A 304 19.90 11.52 -4.47
CA GLY A 304 20.76 12.17 -3.48
C GLY A 304 20.37 13.61 -3.19
N LYS A 305 20.07 14.36 -4.26
CA LYS A 305 19.62 15.74 -4.15
C LYS A 305 18.32 15.88 -3.38
N GLN A 306 17.41 14.93 -3.58
CA GLN A 306 16.06 15.03 -2.99
C GLN A 306 15.86 14.21 -1.71
N ALA A 307 16.90 13.55 -1.21
CA ALA A 307 16.77 12.67 -0.04
C ALA A 307 16.38 13.48 1.18
N VAL A 308 15.28 13.09 1.84
CA VAL A 308 14.90 13.70 3.13
C VAL A 308 15.71 13.02 4.23
N LEU A 309 16.51 13.81 4.96
CA LEU A 309 17.45 13.29 5.97
C LEU A 309 16.92 13.42 7.38
N CYS A 310 17.58 12.71 8.30
CA CYS A 310 17.27 12.80 9.75
C CYS A 310 17.57 14.20 10.25
N SER A 311 16.58 14.81 10.90
CA SER A 311 16.68 16.20 11.41
C SER A 311 16.97 16.32 12.91
N CYS A 312 16.99 15.20 13.65
CA CYS A 312 17.04 15.24 15.13
C CYS A 312 18.36 14.78 15.76
N ARG A 313 19.36 14.41 14.94
CA ARG A 313 20.66 13.96 15.43
C ARG A 313 21.77 14.72 14.68
N LYS A 314 22.68 15.34 15.43
CA LYS A 314 23.83 16.04 14.84
C LYS A 314 24.74 15.07 14.06
N ASP A 315 25.06 13.93 14.69
CA ASP A 315 25.94 12.93 14.09
C ASP A 315 25.17 11.96 13.18
N MET A 316 24.79 12.45 11.99
CA MET A 316 24.16 11.61 10.95
C MET A 316 24.80 11.86 9.59
N VAL A 317 24.67 10.89 8.70
CA VAL A 317 25.39 10.88 7.43
C VAL A 317 24.78 11.89 6.44
N LYS A 318 25.52 12.97 6.18
CA LYS A 318 25.18 13.95 5.16
C LYS A 318 26.32 14.03 4.13
N ILE A 319 26.00 13.75 2.87
CA ILE A 319 26.92 13.94 1.76
C ILE A 319 26.59 15.26 1.06
N SER A 320 27.63 16.05 0.81
CA SER A 320 27.52 17.24 -0.02
C SER A 320 27.30 16.80 -1.48
N MET A 321 26.18 17.21 -2.07
CA MET A 321 25.86 16.86 -3.46
C MET A 321 26.49 17.78 -4.52
N ASP A 322 27.06 18.91 -4.10
CA ASP A 322 27.72 19.86 -5.00
C ASP A 322 28.58 19.23 -6.09
N VAL A 323 29.58 18.45 -5.65
CA VAL A 323 30.56 17.84 -6.55
C VAL A 323 29.90 17.01 -7.65
N PHE A 324 28.81 16.32 -7.29
CA PHE A 324 28.07 15.49 -8.24
C PHE A 324 27.25 16.32 -9.22
N VAL A 325 26.59 17.37 -8.72
CA VAL A 325 25.79 18.24 -9.59
C VAL A 325 26.72 18.99 -10.53
N ARG A 326 27.84 19.50 -9.99
CA ARG A 326 28.81 20.25 -10.78
C ARG A 326 29.34 19.42 -11.94
N LYS A 327 29.77 18.20 -11.65
CA LYS A 327 30.38 17.33 -12.66
C LYS A 327 29.37 16.73 -13.65
N PHE A 328 28.25 16.21 -13.16
CA PHE A 328 27.31 15.45 -14.00
C PHE A 328 26.05 16.21 -14.47
N GLN A 329 25.75 17.34 -13.85
CA GLN A 329 24.59 18.17 -14.24
C GLN A 329 24.94 19.66 -14.30
N PRO A 330 26.03 20.00 -15.02
CA PRO A 330 26.50 21.41 -15.06
C PRO A 330 25.45 22.43 -15.51
N GLU A 331 24.57 22.02 -16.42
CA GLU A 331 23.46 22.88 -16.88
C GLU A 331 22.46 23.22 -15.79
N ARG A 332 22.32 22.33 -14.79
CA ARG A 332 21.36 22.52 -13.69
C ARG A 332 21.95 23.13 -12.42
N TYR A 333 23.28 23.26 -12.34
CA TYR A 333 23.95 23.65 -11.09
C TYR A 333 23.55 25.02 -10.56
N LYS A 334 23.48 26.02 -11.44
CA LYS A 334 23.08 27.37 -11.04
C LYS A 334 21.63 27.36 -10.54
N LEU A 335 20.76 26.67 -11.26
CA LEU A 335 19.35 26.52 -10.87
C LEU A 335 19.19 25.79 -9.53
N TRP A 336 19.96 24.73 -9.33
CA TRP A 336 19.90 23.92 -8.11
C TRP A 336 20.35 24.71 -6.88
N LYS A 337 21.49 25.40 -6.98
CA LYS A 337 21.96 26.27 -5.90
C LYS A 337 20.98 27.37 -5.50
N ALA A 338 20.22 27.86 -6.47
CA ALA A 338 19.16 28.82 -6.21
C ALA A 338 17.92 28.21 -5.53
N GLY A 339 17.87 26.87 -5.42
CA GLY A 339 16.73 26.18 -4.82
C GLY A 339 15.54 26.10 -5.75
N LYS A 340 15.80 26.06 -7.06
CA LYS A 340 14.74 26.15 -8.08
C LYS A 340 14.74 24.98 -9.07
N ASP A 341 15.45 23.90 -8.74
CA ASP A 341 15.49 22.70 -9.58
C ASP A 341 14.33 21.77 -9.19
N ASN A 342 13.29 21.74 -10.02
CA ASN A 342 12.08 20.96 -9.74
C ASN A 342 12.00 19.63 -10.52
N THR A 343 13.15 19.03 -10.84
CA THR A 343 13.18 17.70 -11.46
C THR A 343 12.36 16.71 -10.64
N VAL A 344 11.36 16.11 -11.29
CA VAL A 344 10.55 15.06 -10.69
C VAL A 344 11.19 13.74 -11.09
N ILE A 345 11.47 12.88 -10.11
CA ILE A 345 12.07 11.57 -10.36
C ILE A 345 11.01 10.61 -10.88
N ASP A 346 11.35 9.90 -11.96
CA ASP A 346 10.57 8.76 -12.44
C ASP A 346 11.31 7.51 -12.02
N HIS A 347 10.71 6.76 -11.09
CA HIS A 347 11.38 5.60 -10.47
C HIS A 347 11.57 4.41 -11.41
N THR A 348 10.91 4.43 -12.57
CA THR A 348 11.01 3.33 -13.54
C THR A 348 12.21 3.43 -14.48
N LEU A 349 12.78 4.62 -14.67
CA LEU A 349 13.87 4.79 -15.64
C LEU A 349 15.15 4.08 -15.20
N PRO A 350 15.80 3.33 -16.12
CA PRO A 350 17.13 2.80 -15.80
C PRO A 350 18.21 3.88 -15.87
N THR A 351 19.35 3.61 -15.24
CA THR A 351 20.47 4.55 -15.21
C THR A 351 21.02 4.72 -16.64
N PRO A 352 21.40 5.95 -17.03
CA PRO A 352 21.83 6.23 -18.43
C PRO A 352 22.98 5.37 -18.97
N GLU A 353 23.83 4.84 -18.06
CA GLU A 353 24.90 3.87 -18.41
C GLU A 353 24.39 2.58 -19.07
N ALA A 354 23.11 2.25 -18.85
CA ALA A 354 22.46 1.08 -19.46
C ALA A 354 22.27 1.15 -20.98
N ALA A 355 22.45 2.34 -21.58
CA ALA A 355 22.58 2.47 -23.07
C ALA A 355 23.62 1.48 -23.64
N GLU A 356 24.80 1.43 -22.97
CA GLU A 356 25.98 0.62 -23.35
C GLU A 356 25.68 -0.86 -23.54
N LEU B 12 -6.46 10.80 8.94
CA LEU B 12 -5.74 11.41 10.10
C LEU B 12 -5.23 10.40 11.18
N ASN B 13 -5.38 9.09 10.92
CA ASN B 13 -5.25 8.05 11.95
C ASN B 13 -5.41 6.65 11.34
N PRO B 14 -4.40 5.75 11.45
CA PRO B 14 -4.50 4.41 10.77
C PRO B 14 -5.70 3.54 11.18
N SER B 15 -6.20 3.73 12.39
CA SER B 15 -7.42 3.06 12.84
C SER B 15 -8.68 3.57 12.14
N ALA B 16 -8.61 4.72 11.44
CA ALA B 16 -9.65 5.04 10.44
C ALA B 16 -9.19 5.14 8.98
N ARG B 17 -8.20 4.31 8.64
CA ARG B 17 -7.69 4.17 7.28
C ARG B 17 -8.25 2.92 6.63
N ILE B 18 -8.42 2.99 5.31
CA ILE B 18 -8.97 1.89 4.54
C ILE B 18 -8.09 0.64 4.67
N MET B 19 -8.70 -0.45 5.13
CA MET B 19 -8.01 -1.71 5.33
C MET B 19 -8.35 -2.68 4.22
N THR B 20 -7.49 -3.69 4.05
CA THR B 20 -7.63 -4.67 2.99
C THR B 20 -7.48 -6.05 3.58
N PHE B 21 -8.37 -6.96 3.19
CA PHE B 21 -8.43 -8.31 3.76
C PHE B 21 -8.32 -9.38 2.70
N TYR B 22 -7.81 -10.55 3.12
CA TYR B 22 -7.50 -11.66 2.23
C TYR B 22 -8.05 -12.96 2.81
N PRO B 23 -9.37 -13.14 2.74
CA PRO B 23 -9.96 -14.37 3.30
C PRO B 23 -9.52 -15.64 2.59
N THR B 24 -9.41 -16.72 3.37
CA THR B 24 -9.29 -18.08 2.82
C THR B 24 -10.66 -18.47 2.28
N MET B 25 -10.72 -19.60 1.58
CA MET B 25 -11.99 -20.09 1.05
C MET B 25 -12.98 -20.43 2.17
N GLU B 26 -12.47 -21.00 3.26
CA GLU B 26 -13.25 -21.30 4.46
C GLU B 26 -13.93 -20.06 5.03
N GLU B 27 -13.14 -19.00 5.22
CA GLU B 27 -13.61 -17.72 5.74
C GLU B 27 -14.59 -17.04 4.78
N PHE B 28 -14.33 -17.19 3.49
CA PHE B 28 -15.12 -16.54 2.44
C PHE B 28 -16.54 -17.11 2.29
N ARG B 29 -16.73 -18.38 2.65
CA ARG B 29 -18.05 -19.05 2.51
C ARG B 29 -19.19 -18.38 3.27
N ASN B 30 -18.91 -17.84 4.46
CA ASN B 30 -19.93 -17.20 5.30
C ASN B 30 -19.77 -15.67 5.25
N PHE B 31 -20.66 -15.05 4.47
CA PHE B 31 -20.60 -13.61 4.19
C PHE B 31 -20.75 -12.74 5.45
N SER B 32 -21.91 -12.85 6.11
CA SER B 32 -22.21 -12.05 7.31
C SER B 32 -21.21 -12.25 8.43
N ARG B 33 -20.65 -13.45 8.54
CA ARG B 33 -19.62 -13.74 9.52
C ARG B 33 -18.31 -12.99 9.21
N TYR B 34 -17.95 -12.93 7.93
CA TYR B 34 -16.72 -12.21 7.56
C TYR B 34 -16.86 -10.69 7.70
N ILE B 35 -18.06 -10.17 7.48
CA ILE B 35 -18.32 -8.76 7.71
C ILE B 35 -18.15 -8.46 9.21
N ALA B 36 -18.74 -9.29 10.05
CA ALA B 36 -18.54 -9.18 11.49
C ALA B 36 -17.05 -9.25 11.87
N TYR B 37 -16.31 -10.18 11.25
CA TYR B 37 -14.86 -10.29 11.51
C TYR B 37 -14.11 -9.02 11.18
N ILE B 38 -14.28 -8.48 9.97
CA ILE B 38 -13.55 -7.27 9.59
C ILE B 38 -13.93 -6.05 10.44
N GLU B 39 -15.17 -6.02 10.94
CA GLU B 39 -15.53 -5.01 11.93
C GLU B 39 -14.80 -5.23 13.26
N SER B 40 -14.60 -6.49 13.66
CA SER B 40 -13.79 -6.80 14.85
C SER B 40 -12.35 -6.27 14.72
N GLN B 41 -11.87 -6.14 13.48
CA GLN B 41 -10.57 -5.51 13.18
C GLN B 41 -10.60 -3.99 12.98
N GLY B 42 -11.75 -3.34 13.15
CA GLY B 42 -11.89 -1.89 12.96
C GLY B 42 -12.00 -1.37 11.53
N ALA B 43 -12.35 -2.26 10.60
CA ALA B 43 -12.47 -1.88 9.17
C ALA B 43 -13.49 -0.77 8.95
N HIS B 44 -14.64 -0.94 9.58
CA HIS B 44 -15.75 0.01 9.55
C HIS B 44 -15.47 1.47 9.92
N ARG B 45 -14.44 1.70 10.72
CA ARG B 45 -14.08 3.08 11.10
C ARG B 45 -13.69 3.97 9.93
N ALA B 46 -13.07 3.37 8.90
CA ALA B 46 -12.72 4.09 7.67
C ALA B 46 -13.94 4.48 6.83
N GLY B 47 -15.01 3.68 6.92
CA GLY B 47 -16.23 3.85 6.13
C GLY B 47 -16.25 2.99 4.88
N LEU B 48 -15.10 2.41 4.54
CA LEU B 48 -14.86 1.69 3.29
C LEU B 48 -13.73 0.70 3.51
N ALA B 49 -13.85 -0.51 2.95
CA ALA B 49 -12.81 -1.54 3.08
C ALA B 49 -12.75 -2.42 1.85
N LYS B 50 -11.56 -2.90 1.50
CA LYS B 50 -11.38 -3.83 0.37
C LYS B 50 -11.27 -5.27 0.85
N VAL B 51 -11.91 -6.17 0.09
CA VAL B 51 -11.81 -7.60 0.34
C VAL B 51 -11.42 -8.30 -0.97
N VAL B 52 -10.22 -8.86 -0.98
CA VAL B 52 -9.72 -9.63 -2.12
C VAL B 52 -10.12 -11.09 -1.92
N PRO B 53 -10.96 -11.63 -2.84
CA PRO B 53 -11.37 -13.04 -2.69
C PRO B 53 -10.23 -14.01 -3.04
N PRO B 54 -10.33 -15.26 -2.58
CA PRO B 54 -9.26 -16.24 -2.84
C PRO B 54 -9.13 -16.54 -4.34
N LYS B 55 -7.88 -16.74 -4.79
CA LYS B 55 -7.54 -16.86 -6.21
C LYS B 55 -8.43 -17.85 -6.97
N GLU B 56 -8.67 -19.01 -6.37
CA GLU B 56 -9.54 -20.03 -6.96
C GLU B 56 -10.97 -19.58 -7.32
N TRP B 57 -11.51 -18.63 -6.57
CA TRP B 57 -12.91 -18.20 -6.73
C TRP B 57 -13.14 -17.34 -7.98
N LYS B 58 -14.23 -17.64 -8.69
CA LYS B 58 -14.71 -16.85 -9.82
C LYS B 58 -16.24 -16.90 -9.80
N PRO B 59 -16.91 -15.74 -9.95
CA PRO B 59 -18.38 -15.70 -9.95
C PRO B 59 -19.00 -16.07 -11.30
N ARG B 60 -18.18 -16.18 -12.34
CA ARG B 60 -18.65 -16.47 -13.68
C ARG B 60 -17.54 -17.11 -14.50
N ALA B 61 -17.92 -18.07 -15.34
CA ALA B 61 -16.98 -18.78 -16.21
C ALA B 61 -16.21 -17.83 -17.13
N SER B 62 -16.95 -16.96 -17.83
CA SER B 62 -16.35 -15.91 -18.67
C SER B 62 -17.35 -14.81 -19.01
N TYR B 63 -16.85 -13.64 -19.42
CA TYR B 63 -17.72 -12.50 -19.76
C TYR B 63 -17.81 -12.28 -21.28
N ASP B 64 -17.75 -13.37 -22.04
CA ASP B 64 -17.67 -13.31 -23.51
C ASP B 64 -19.05 -13.28 -24.19
N ASP B 65 -20.11 -13.55 -23.44
CA ASP B 65 -21.46 -13.76 -23.97
C ASP B 65 -22.45 -12.61 -23.67
N ILE B 66 -21.93 -11.45 -23.28
CA ILE B 66 -22.77 -10.35 -22.78
C ILE B 66 -22.79 -9.10 -23.65
N ASP B 67 -22.17 -9.15 -24.83
CA ASP B 67 -22.15 -8.00 -25.75
C ASP B 67 -23.56 -7.56 -26.15
N ASP B 68 -24.50 -8.52 -26.16
CA ASP B 68 -25.92 -8.26 -26.49
C ASP B 68 -26.79 -7.73 -25.36
N LEU B 69 -26.23 -7.61 -24.15
CA LEU B 69 -27.00 -7.10 -23.01
C LEU B 69 -27.30 -5.62 -23.17
N VAL B 70 -28.55 -5.24 -22.88
CA VAL B 70 -29.05 -3.89 -23.08
C VAL B 70 -28.81 -3.02 -21.84
N ILE B 71 -28.23 -1.84 -22.07
CA ILE B 71 -28.17 -0.77 -21.08
C ILE B 71 -29.33 0.17 -21.40
N PRO B 72 -30.45 0.08 -20.66
CA PRO B 72 -31.65 0.82 -21.07
C PRO B 72 -31.58 2.35 -20.93
N ALA B 73 -30.98 2.83 -19.86
CA ALA B 73 -30.92 4.26 -19.56
C ALA B 73 -29.48 4.71 -19.30
N PRO B 74 -28.64 4.74 -20.36
CA PRO B 74 -27.30 5.29 -20.19
C PRO B 74 -27.37 6.80 -19.96
N ILE B 75 -26.40 7.30 -19.20
CA ILE B 75 -26.42 8.65 -18.67
C ILE B 75 -25.18 9.36 -19.16
N GLN B 76 -25.35 10.54 -19.77
CA GLN B 76 -24.23 11.42 -20.06
C GLN B 76 -24.04 12.37 -18.86
N GLN B 77 -22.80 12.42 -18.37
CA GLN B 77 -22.48 13.15 -17.13
C GLN B 77 -21.87 14.53 -17.41
N LEU B 78 -22.69 15.57 -17.32
CA LEU B 78 -22.22 16.93 -17.47
C LEU B 78 -21.95 17.57 -16.13
N VAL B 79 -20.76 18.17 -16.01
CA VAL B 79 -20.27 18.69 -14.76
C VAL B 79 -19.93 20.16 -14.91
N THR B 80 -20.39 20.96 -13.95
CA THR B 80 -20.14 22.39 -13.91
C THR B 80 -19.50 22.73 -12.54
N GLY B 81 -18.47 23.57 -12.57
CA GLY B 81 -17.84 24.06 -11.35
C GLY B 81 -16.41 24.55 -11.49
N GLN B 82 -15.79 24.78 -10.33
CA GLN B 82 -14.45 25.34 -10.22
C GLN B 82 -13.97 25.19 -8.78
N SER B 83 -12.65 25.28 -8.58
CA SER B 83 -12.04 25.26 -7.24
C SER B 83 -12.39 24.01 -6.44
N GLY B 84 -12.47 22.88 -7.13
CA GLY B 84 -12.76 21.60 -6.48
C GLY B 84 -14.19 21.34 -6.07
N LEU B 85 -15.13 22.22 -6.43
CA LEU B 85 -16.55 22.07 -6.12
C LEU B 85 -17.37 21.98 -7.39
N PHE B 86 -18.07 20.87 -7.58
CA PHE B 86 -18.81 20.65 -8.80
C PHE B 86 -20.20 20.08 -8.55
N THR B 87 -21.14 20.42 -9.43
CA THR B 87 -22.46 19.79 -9.52
C THR B 87 -22.54 19.00 -10.83
N GLN B 88 -23.03 17.76 -10.73
CA GLN B 88 -23.12 16.83 -11.85
C GLN B 88 -24.57 16.64 -12.29
N TYR B 89 -24.83 16.91 -13.57
CA TYR B 89 -26.17 16.81 -14.16
C TYR B 89 -26.20 15.61 -15.10
N ASN B 90 -27.25 14.80 -14.98
CA ASN B 90 -27.44 13.62 -15.84
C ASN B 90 -28.33 13.91 -17.03
N ILE B 91 -27.88 13.50 -18.21
CA ILE B 91 -28.71 13.55 -19.40
C ILE B 91 -28.91 12.11 -19.81
N GLN B 92 -30.16 11.67 -19.79
CA GLN B 92 -30.52 10.32 -20.22
C GLN B 92 -30.42 10.20 -21.74
N LYS B 93 -29.77 9.13 -22.19
CA LYS B 93 -29.59 8.85 -23.61
C LYS B 93 -30.38 7.61 -23.99
N LYS B 94 -30.51 7.37 -25.29
CA LYS B 94 -31.21 6.19 -25.79
C LYS B 94 -30.45 4.93 -25.39
N ALA B 95 -31.21 3.86 -25.23
CA ALA B 95 -30.66 2.57 -24.84
C ALA B 95 -29.58 2.10 -25.81
N MET B 96 -28.61 1.35 -25.30
CA MET B 96 -27.56 0.78 -26.12
C MET B 96 -27.08 -0.54 -25.54
N THR B 97 -26.40 -1.30 -26.38
CA THR B 97 -25.85 -2.57 -25.97
C THR B 97 -24.47 -2.36 -25.35
N VAL B 98 -23.91 -3.42 -24.81
CA VAL B 98 -22.56 -3.38 -24.26
C VAL B 98 -21.52 -3.15 -25.37
N ARG B 99 -21.68 -3.80 -26.52
CA ARG B 99 -20.74 -3.61 -27.64
C ARG B 99 -20.68 -2.16 -28.12
N GLU B 100 -21.83 -1.52 -28.21
CA GLU B 100 -21.89 -0.11 -28.62
C GLU B 100 -21.20 0.75 -27.59
N PHE B 101 -21.44 0.44 -26.31
CA PHE B 101 -20.82 1.15 -25.19
C PHE B 101 -19.30 0.97 -25.15
N ARG B 102 -18.83 -0.28 -25.34
CA ARG B 102 -17.39 -0.57 -25.36
C ARG B 102 -16.65 0.15 -26.50
N LYS B 103 -17.26 0.20 -27.68
CA LYS B 103 -16.66 0.91 -28.81
C LYS B 103 -16.53 2.40 -28.49
N ILE B 104 -17.57 2.99 -27.94
CA ILE B 104 -17.53 4.40 -27.51
C ILE B 104 -16.44 4.61 -26.45
N ALA B 105 -16.43 3.74 -25.44
CA ALA B 105 -15.50 3.85 -24.32
C ALA B 105 -14.02 3.72 -24.73
N ASN B 106 -13.73 2.82 -25.67
CA ASN B 106 -12.35 2.58 -26.12
C ASN B 106 -11.94 3.45 -27.30
N SER B 107 -12.85 4.27 -27.82
CA SER B 107 -12.54 5.19 -28.92
C SER B 107 -11.62 6.31 -28.44
N ASP B 108 -10.96 6.95 -29.39
CA ASP B 108 -9.96 7.98 -29.10
C ASP B 108 -10.53 9.17 -28.34
N LYS B 109 -11.77 9.53 -28.64
CA LYS B 109 -12.43 10.65 -27.96
C LYS B 109 -12.61 10.41 -26.45
N TYR B 110 -12.99 9.19 -26.06
CA TYR B 110 -13.42 8.90 -24.68
C TYR B 110 -12.49 7.99 -23.86
N CYS B 111 -11.47 7.39 -24.49
CA CYS B 111 -10.58 6.43 -23.80
C CYS B 111 -9.65 7.09 -22.80
N THR B 112 -9.04 6.24 -21.98
CA THR B 112 -8.14 6.66 -20.90
C THR B 112 -6.89 7.34 -21.48
N PRO B 113 -6.52 8.53 -20.95
CA PRO B 113 -5.26 9.14 -21.38
C PRO B 113 -4.06 8.39 -20.82
N ARG B 114 -2.91 8.55 -21.48
CA ARG B 114 -1.67 7.88 -21.06
C ARG B 114 -1.14 8.51 -19.78
N TYR B 115 -0.47 7.71 -18.96
CA TYR B 115 0.09 8.17 -17.68
C TYR B 115 1.09 7.16 -17.12
N SER B 116 1.72 7.49 -15.99
CA SER B 116 2.62 6.59 -15.28
C SER B 116 1.99 6.04 -13.98
N GLU B 117 1.86 6.88 -12.95
CA GLU B 117 1.24 6.48 -11.67
C GLU B 117 -0.19 7.00 -11.55
N PHE B 118 -0.96 6.38 -10.65
CA PHE B 118 -2.32 6.80 -10.33
C PHE B 118 -2.41 8.31 -10.02
N GLU B 119 -1.41 8.86 -9.32
CA GLU B 119 -1.41 10.28 -8.96
C GLU B 119 -1.59 11.20 -10.18
N GLU B 120 -0.94 10.83 -11.29
CA GLU B 120 -1.06 11.58 -12.54
C GLU B 120 -2.47 11.48 -13.13
N LEU B 121 -3.02 10.27 -13.13
CA LEU B 121 -4.36 10.03 -13.66
C LEU B 121 -5.42 10.74 -12.80
N GLU B 122 -5.19 10.76 -11.49
CA GLU B 122 -6.02 11.49 -10.55
C GLU B 122 -6.00 12.99 -10.82
N ARG B 123 -4.80 13.54 -11.02
CA ARG B 123 -4.67 14.96 -11.40
C ARG B 123 -5.43 15.27 -12.67
N LYS B 124 -5.36 14.36 -13.65
CA LYS B 124 -6.06 14.51 -14.93
C LYS B 124 -7.58 14.46 -14.79
N TYR B 125 -8.06 13.54 -13.98
CA TYR B 125 -9.49 13.48 -13.63
C TYR B 125 -10.00 14.83 -13.12
N TRP B 126 -9.39 15.34 -12.05
CA TRP B 126 -9.82 16.60 -11.44
C TRP B 126 -9.58 17.84 -12.33
N LYS B 127 -8.62 17.74 -13.24
CA LYS B 127 -8.34 18.81 -14.21
C LYS B 127 -9.37 18.85 -15.36
N ASN B 128 -9.81 17.68 -15.82
CA ASN B 128 -10.63 17.57 -17.04
C ASN B 128 -12.07 17.14 -16.79
N LEU B 129 -12.50 17.27 -15.55
CA LEU B 129 -13.79 16.78 -15.08
C LEU B 129 -14.98 17.36 -15.84
N THR B 130 -14.88 18.65 -16.18
CA THR B 130 -15.95 19.40 -16.81
C THR B 130 -15.88 19.39 -18.33
N PHE B 131 -14.87 18.74 -18.90
CA PHE B 131 -14.68 18.68 -20.35
C PHE B 131 -15.06 17.31 -20.88
N ASN B 132 -15.35 17.26 -22.17
CA ASN B 132 -15.65 16.03 -22.90
C ASN B 132 -16.49 15.04 -22.08
N PRO B 133 -17.75 15.42 -21.76
CA PRO B 133 -18.57 14.65 -20.82
C PRO B 133 -18.76 13.19 -21.26
N PRO B 134 -18.41 12.23 -20.37
CA PRO B 134 -18.51 10.81 -20.69
C PRO B 134 -19.92 10.28 -20.53
N ILE B 135 -20.09 9.00 -20.87
CA ILE B 135 -21.37 8.31 -20.76
C ILE B 135 -21.18 7.13 -19.82
N TYR B 136 -22.10 7.00 -18.86
CA TYR B 136 -22.04 5.97 -17.83
C TYR B 136 -23.23 5.04 -17.98
N GLY B 137 -22.96 3.74 -18.11
CA GLY B 137 -24.01 2.73 -18.17
C GLY B 137 -24.42 2.29 -16.79
N ALA B 138 -25.08 3.19 -16.07
CA ALA B 138 -25.34 3.04 -14.65
C ALA B 138 -26.73 2.51 -14.37
N ASP B 139 -26.89 1.90 -13.19
CA ASP B 139 -28.19 1.52 -12.61
C ASP B 139 -28.96 0.54 -13.51
N VAL B 140 -28.24 -0.46 -14.01
CA VAL B 140 -28.80 -1.53 -14.83
C VAL B 140 -29.19 -2.73 -13.94
N ASN B 141 -30.49 -2.98 -13.82
CA ASN B 141 -31.00 -4.15 -13.09
C ASN B 141 -30.42 -5.43 -13.69
N GLY B 142 -29.84 -6.27 -12.84
CA GLY B 142 -29.24 -7.53 -13.27
C GLY B 142 -28.05 -7.95 -12.46
N THR B 143 -27.61 -9.18 -12.70
CA THR B 143 -26.40 -9.74 -12.08
C THR B 143 -25.62 -10.50 -13.15
N LEU B 144 -24.31 -10.58 -12.97
CA LEU B 144 -23.46 -11.44 -13.81
C LEU B 144 -22.97 -12.68 -13.06
N TYR B 145 -23.45 -12.87 -11.84
CA TYR B 145 -23.19 -14.10 -11.11
C TYR B 145 -23.95 -15.24 -11.78
N GLU B 146 -23.29 -16.38 -11.89
CA GLU B 146 -23.92 -17.56 -12.46
C GLU B 146 -24.80 -18.14 -11.34
N LYS B 147 -26.01 -18.57 -11.71
CA LYS B 147 -27.07 -19.05 -10.78
C LYS B 147 -26.62 -19.92 -9.59
N HIS B 148 -25.56 -20.68 -9.78
CA HIS B 148 -25.12 -21.69 -8.81
C HIS B 148 -24.06 -21.22 -7.79
N VAL B 149 -23.50 -20.03 -7.96
CA VAL B 149 -22.45 -19.51 -7.07
C VAL B 149 -23.04 -19.04 -5.73
N ASP B 150 -22.63 -19.68 -4.63
CA ASP B 150 -23.21 -19.44 -3.30
C ASP B 150 -22.43 -18.49 -2.39
N GLU B 151 -21.19 -18.16 -2.75
CA GLU B 151 -20.33 -17.32 -1.91
C GLU B 151 -20.37 -15.88 -2.40
N TRP B 152 -20.79 -14.97 -1.52
CA TRP B 152 -20.82 -13.52 -1.82
C TRP B 152 -21.64 -13.19 -3.07
N ASN B 153 -22.77 -13.88 -3.24
CA ASN B 153 -23.67 -13.63 -4.36
C ASN B 153 -24.51 -12.38 -4.11
N ILE B 154 -24.22 -11.32 -4.85
CA ILE B 154 -24.85 -10.00 -4.65
C ILE B 154 -26.36 -10.05 -4.81
N GLY B 155 -26.85 -10.95 -5.67
CA GLY B 155 -28.28 -11.17 -5.84
C GLY B 155 -29.01 -11.74 -4.64
N ARG B 156 -28.30 -12.54 -3.83
CA ARG B 156 -28.90 -13.24 -2.70
C ARG B 156 -27.93 -13.44 -1.51
N LEU B 157 -27.48 -12.32 -0.93
CA LEU B 157 -26.60 -12.37 0.25
C LEU B 157 -27.28 -12.91 1.50
N ARG B 158 -28.60 -12.73 1.59
CA ARG B 158 -29.42 -13.30 2.67
C ARG B 158 -29.10 -12.71 4.05
N THR B 159 -28.98 -11.37 4.10
CA THR B 159 -28.80 -10.65 5.35
C THR B 159 -30.18 -10.26 5.85
N ILE B 160 -30.22 -9.61 7.01
CA ILE B 160 -31.48 -9.14 7.59
C ILE B 160 -32.19 -8.05 6.81
N LEU B 161 -31.53 -7.42 5.84
CA LEU B 161 -32.22 -6.54 4.90
C LEU B 161 -33.36 -7.25 4.15
N ASP B 162 -33.26 -8.57 3.98
CA ASP B 162 -34.34 -9.39 3.41
C ASP B 162 -35.69 -9.29 4.13
N LEU B 163 -35.70 -8.80 5.37
CA LEU B 163 -36.95 -8.50 6.09
C LEU B 163 -37.87 -7.49 5.40
N VAL B 164 -37.40 -6.72 4.41
CA VAL B 164 -38.29 -5.75 3.73
C VAL B 164 -39.06 -6.43 2.59
N GLU B 165 -38.41 -7.31 1.82
CA GLU B 165 -39.08 -8.13 0.79
C GLU B 165 -40.02 -9.15 1.48
N LYS B 166 -39.49 -9.86 2.48
CA LYS B 166 -40.29 -10.83 3.27
C LYS B 166 -41.58 -10.22 3.84
N GLU B 167 -41.48 -8.98 4.33
CA GLU B 167 -42.66 -8.20 4.71
C GLU B 167 -43.49 -7.86 3.46
N SER B 168 -42.87 -7.20 2.49
CA SER B 168 -43.52 -6.98 1.16
C SER B 168 -42.46 -6.66 0.10
N VAL B 175 -31.47 -1.62 -4.31
CA VAL B 175 -31.42 -1.67 -2.84
C VAL B 175 -31.37 -3.11 -2.29
N ASN B 176 -32.47 -3.84 -2.45
CA ASN B 176 -32.48 -5.28 -2.18
C ASN B 176 -32.24 -6.14 -3.42
N THR B 177 -32.06 -5.51 -4.57
CA THR B 177 -31.77 -6.22 -5.81
C THR B 177 -30.43 -5.69 -6.34
N PRO B 178 -29.76 -6.48 -7.23
CA PRO B 178 -28.45 -6.08 -7.75
C PRO B 178 -28.54 -5.14 -8.96
N TYR B 179 -27.52 -4.30 -9.10
CA TYR B 179 -27.39 -3.32 -10.17
C TYR B 179 -26.01 -3.47 -10.78
N LEU B 180 -25.92 -3.22 -12.08
CA LEU B 180 -24.67 -3.30 -12.82
C LEU B 180 -24.27 -1.91 -13.30
N TYR B 181 -22.95 -1.66 -13.32
CA TYR B 181 -22.39 -0.36 -13.69
C TYR B 181 -21.28 -0.54 -14.74
N PHE B 182 -21.55 -0.08 -15.96
CA PHE B 182 -20.57 -0.08 -17.04
C PHE B 182 -19.93 1.29 -17.15
N GLY B 183 -18.65 1.36 -16.81
CA GLY B 183 -17.92 2.62 -16.79
C GLY B 183 -17.05 2.81 -18.02
N MET B 184 -16.72 4.06 -18.28
CA MET B 184 -15.63 4.44 -19.18
C MET B 184 -14.78 5.45 -18.40
N TRP B 185 -13.70 5.92 -19.01
CA TRP B 185 -12.81 6.89 -18.36
C TRP B 185 -13.58 8.13 -17.95
N LYS B 186 -13.32 8.57 -16.72
CA LYS B 186 -13.82 9.84 -16.20
C LYS B 186 -15.29 9.80 -15.75
N THR B 187 -15.92 8.63 -15.78
CA THR B 187 -17.26 8.50 -15.20
C THR B 187 -17.12 8.52 -13.68
N SER B 188 -18.04 9.22 -13.02
CA SER B 188 -17.93 9.54 -11.60
C SER B 188 -19.13 9.04 -10.82
N PHE B 189 -18.90 8.72 -9.54
CA PHE B 189 -19.98 8.60 -8.60
C PHE B 189 -19.78 9.65 -7.53
N ALA B 190 -20.81 10.46 -7.31
CA ALA B 190 -20.74 11.61 -6.42
C ALA B 190 -20.69 11.21 -4.94
N TRP B 191 -20.40 12.17 -4.08
CA TRP B 191 -20.36 11.96 -2.64
C TRP B 191 -21.71 11.55 -2.06
N HIS B 192 -21.76 10.41 -1.40
CA HIS B 192 -22.98 9.96 -0.74
C HIS B 192 -22.76 8.87 0.30
N THR B 193 -23.74 8.75 1.18
CA THR B 193 -23.98 7.53 1.91
C THR B 193 -25.07 6.76 1.17
N GLU B 194 -25.22 5.49 1.53
CA GLU B 194 -26.26 4.64 0.98
C GLU B 194 -27.64 5.08 1.45
N ASP B 195 -28.67 4.66 0.71
CA ASP B 195 -30.06 4.84 1.15
C ASP B 195 -30.23 4.24 2.55
N MET B 196 -30.89 4.98 3.42
CA MET B 196 -31.09 4.57 4.82
C MET B 196 -29.79 4.32 5.59
N ASP B 197 -28.69 4.90 5.09
CA ASP B 197 -27.34 4.67 5.61
C ASP B 197 -27.01 3.19 5.79
N LEU B 198 -27.34 2.42 4.77
CA LEU B 198 -27.07 0.97 4.74
C LEU B 198 -25.60 0.69 4.45
N TYR B 199 -25.25 -0.60 4.49
CA TYR B 199 -23.98 -1.07 3.96
C TYR B 199 -24.16 -1.21 2.45
N SER B 200 -23.05 -1.30 1.73
CA SER B 200 -23.09 -1.75 0.35
C SER B 200 -21.91 -2.66 0.05
N ILE B 201 -22.05 -3.40 -1.03
CA ILE B 201 -21.02 -4.32 -1.52
C ILE B 201 -20.90 -4.01 -3.01
N ASN B 202 -19.67 -3.78 -3.48
N ASN B 202 -19.67 -3.91 -3.50
CA ASN B 202 -19.38 -3.51 -4.90
CA ASN B 202 -19.39 -3.50 -4.87
C ASN B 202 -18.31 -4.48 -5.37
C ASN B 202 -18.27 -4.37 -5.44
N TYR B 203 -18.60 -5.21 -6.43
CA TYR B 203 -17.63 -6.11 -7.06
C TYR B 203 -17.35 -5.62 -8.46
N LEU B 204 -16.07 -5.44 -8.78
CA LEU B 204 -15.64 -5.07 -10.13
C LEU B 204 -15.41 -6.35 -10.93
N HIS B 205 -16.32 -6.66 -11.86
CA HIS B 205 -16.26 -7.91 -12.62
C HIS B 205 -15.06 -7.99 -13.55
N PHE B 206 -14.82 -6.93 -14.31
CA PHE B 206 -13.70 -6.88 -15.25
C PHE B 206 -13.37 -5.46 -15.66
N GLY B 207 -12.21 -5.30 -16.29
CA GLY B 207 -11.84 -4.08 -16.98
C GLY B 207 -10.94 -3.21 -16.15
N GLU B 208 -10.93 -1.92 -16.47
CA GLU B 208 -10.03 -0.97 -15.83
C GLU B 208 -10.43 -0.63 -14.38
N PRO B 209 -9.47 -0.12 -13.57
CA PRO B 209 -9.77 0.11 -12.15
C PRO B 209 -10.83 1.18 -11.86
N LYS B 210 -11.38 1.12 -10.65
CA LYS B 210 -12.30 2.12 -10.13
C LYS B 210 -11.66 2.66 -8.87
N SER B 211 -11.48 3.97 -8.80
CA SER B 211 -10.87 4.58 -7.62
C SER B 211 -11.93 5.20 -6.70
N TRP B 212 -11.67 5.14 -5.40
CA TRP B 212 -12.61 5.55 -4.36
C TRP B 212 -11.98 6.57 -3.42
N TYR B 213 -12.80 7.47 -2.91
CA TYR B 213 -12.47 8.34 -1.78
C TYR B 213 -13.45 7.98 -0.65
N SER B 214 -13.01 8.12 0.61
CA SER B 214 -13.87 7.81 1.75
C SER B 214 -13.62 8.75 2.92
N VAL B 215 -14.69 9.13 3.60
CA VAL B 215 -14.62 9.89 4.84
C VAL B 215 -15.12 8.98 5.96
N PRO B 216 -14.34 8.83 7.04
CA PRO B 216 -14.82 8.05 8.19
C PRO B 216 -16.21 8.48 8.66
N PRO B 217 -17.09 7.52 9.00
CA PRO B 217 -18.41 7.84 9.58
C PRO B 217 -18.39 8.78 10.80
N GLU B 218 -17.33 8.70 11.61
CA GLU B 218 -17.15 9.64 12.72
C GLU B 218 -16.83 11.08 12.32
N HIS B 219 -16.53 11.34 11.05
CA HIS B 219 -16.39 12.71 10.54
C HIS B 219 -17.40 13.06 9.44
N GLY B 220 -18.38 12.21 9.20
CA GLY B 220 -19.41 12.46 8.20
C GLY B 220 -20.13 13.79 8.37
N LYS B 221 -20.43 14.15 9.62
CA LYS B 221 -21.10 15.42 9.91
C LYS B 221 -20.25 16.64 9.55
N ARG B 222 -18.94 16.51 9.66
CA ARG B 222 -18.01 17.59 9.24
C ARG B 222 -18.17 17.85 7.74
N LEU B 223 -18.24 16.78 6.96
CA LEU B 223 -18.43 16.90 5.52
C LEU B 223 -19.76 17.55 5.17
N GLU B 224 -20.82 17.16 5.86
CA GLU B 224 -22.17 17.72 5.63
C GLU B 224 -22.23 19.22 5.88
N ARG B 225 -21.60 19.67 6.96
CA ARG B 225 -21.49 21.11 7.27
C ARG B 225 -20.76 21.88 6.18
N LEU B 226 -19.70 21.28 5.64
CA LEU B 226 -18.93 21.87 4.58
C LEU B 226 -19.78 22.02 3.32
N ALA B 227 -20.42 20.92 2.93
CA ALA B 227 -21.33 20.92 1.79
C ALA B 227 -22.48 21.94 1.94
N LYS B 228 -23.06 22.05 3.14
CA LYS B 228 -24.13 23.03 3.41
C LYS B 228 -23.68 24.47 3.26
N GLY B 229 -22.46 24.75 3.67
CA GLY B 229 -21.86 26.07 3.50
C GLY B 229 -21.68 26.44 2.04
N PHE B 230 -21.23 25.48 1.23
CA PHE B 230 -20.99 25.72 -0.20
C PHE B 230 -22.23 25.69 -1.09
N PHE B 231 -23.30 25.02 -0.66
CA PHE B 231 -24.54 24.92 -1.46
C PHE B 231 -25.74 25.31 -0.61
N PRO B 232 -25.81 26.58 -0.16
CA PRO B 232 -26.87 27.00 0.77
C PRO B 232 -28.30 26.94 0.22
N GLY B 233 -28.47 27.16 -1.07
CA GLY B 233 -29.77 27.00 -1.74
C GLY B 233 -30.26 25.57 -1.75
N SER B 234 -29.37 24.64 -2.09
CA SER B 234 -29.64 23.19 -2.03
C SER B 234 -29.99 22.73 -0.62
N ALA B 235 -29.21 23.19 0.36
CA ALA B 235 -29.47 22.91 1.77
C ALA B 235 -30.83 23.41 2.20
N GLN B 236 -31.17 24.62 1.76
CA GLN B 236 -32.45 25.25 2.08
C GLN B 236 -33.66 24.43 1.58
N SER B 237 -33.56 23.90 0.36
CA SER B 237 -34.67 23.13 -0.25
C SER B 237 -34.61 21.60 -0.05
N CYS B 238 -33.56 21.07 0.59
CA CYS B 238 -33.55 19.65 0.97
C CYS B 238 -32.68 19.36 2.18
N GLU B 239 -33.25 18.61 3.13
CA GLU B 239 -32.56 18.23 4.37
C GLU B 239 -31.39 17.26 4.15
N ALA B 240 -31.33 16.59 3.01
CA ALA B 240 -30.25 15.66 2.69
C ALA B 240 -29.88 15.68 1.20
N PHE B 241 -29.50 16.85 0.69
CA PHE B 241 -29.27 17.04 -0.75
C PHE B 241 -28.13 16.20 -1.36
N LEU B 242 -27.17 15.78 -0.52
CA LEU B 242 -26.14 14.85 -0.96
C LEU B 242 -26.69 13.52 -1.45
N ARG B 243 -27.85 13.12 -0.95
CA ARG B 243 -28.53 11.92 -1.48
C ARG B 243 -28.98 12.05 -2.95
N HIS B 244 -29.03 13.26 -3.50
CA HIS B 244 -29.27 13.45 -4.94
C HIS B 244 -28.12 12.94 -5.80
N LYS B 245 -26.95 12.73 -5.20
CA LYS B 245 -25.79 12.14 -5.87
C LYS B 245 -25.29 12.98 -7.04
N MET B 246 -25.30 14.30 -6.83
CA MET B 246 -24.88 15.28 -7.81
C MET B 246 -23.63 16.05 -7.39
N THR B 247 -23.17 15.90 -6.14
CA THR B 247 -22.15 16.80 -5.59
C THR B 247 -20.75 16.15 -5.62
N LEU B 248 -19.82 16.83 -6.28
CA LEU B 248 -18.45 16.36 -6.42
C LEU B 248 -17.49 17.32 -5.73
N ILE B 249 -16.62 16.76 -4.88
CA ILE B 249 -15.71 17.55 -4.02
C ILE B 249 -14.33 16.90 -4.09
N SER B 250 -13.33 17.68 -4.49
CA SER B 250 -11.98 17.17 -4.74
C SER B 250 -11.24 16.92 -3.43
N PRO B 251 -10.26 16.01 -3.45
CA PRO B 251 -9.50 15.75 -2.22
C PRO B 251 -8.76 16.98 -1.69
N LEU B 252 -8.33 17.87 -2.58
CA LEU B 252 -7.71 19.14 -2.18
C LEU B 252 -8.66 20.06 -1.41
N MET B 253 -9.93 20.09 -1.77
CA MET B 253 -10.92 20.85 -0.97
C MET B 253 -11.16 20.24 0.39
N LEU B 254 -11.17 18.91 0.47
CA LEU B 254 -11.33 18.24 1.76
C LEU B 254 -10.15 18.54 2.68
N LYS B 255 -8.96 18.48 2.11
CA LYS B 255 -7.74 18.75 2.83
C LYS B 255 -7.70 20.21 3.34
N LYS B 256 -8.12 21.13 2.49
CA LYS B 256 -8.14 22.56 2.82
C LYS B 256 -9.07 22.92 3.98
N TYR B 257 -10.18 22.21 4.12
CA TYR B 257 -11.12 22.46 5.21
C TYR B 257 -11.06 21.38 6.30
N GLY B 258 -9.92 20.70 6.39
CA GLY B 258 -9.64 19.78 7.48
C GLY B 258 -10.57 18.58 7.64
N ILE B 259 -11.16 18.13 6.54
CA ILE B 259 -11.98 16.93 6.54
C ILE B 259 -11.03 15.74 6.34
N PRO B 260 -11.01 14.78 7.29
CA PRO B 260 -10.21 13.57 7.10
C PRO B 260 -10.79 12.67 6.02
N PHE B 261 -9.92 12.03 5.27
CA PHE B 261 -10.34 11.13 4.21
C PHE B 261 -9.21 10.19 3.82
N ASP B 262 -9.55 9.15 3.07
CA ASP B 262 -8.56 8.25 2.49
C ASP B 262 -8.94 7.98 1.03
N LYS B 263 -8.01 7.39 0.28
CA LYS B 263 -8.26 6.90 -1.08
C LYS B 263 -7.78 5.46 -1.26
N VAL B 264 -8.36 4.79 -2.25
CA VAL B 264 -7.98 3.43 -2.61
C VAL B 264 -8.50 3.13 -4.00
N THR B 265 -7.70 2.38 -4.76
CA THR B 265 -8.04 1.99 -6.11
C THR B 265 -8.47 0.52 -6.07
N GLN B 266 -9.67 0.26 -6.58
CA GLN B 266 -10.24 -1.09 -6.69
C GLN B 266 -9.85 -1.67 -8.03
N GLU B 267 -9.44 -2.94 -8.05
CA GLU B 267 -9.03 -3.61 -9.29
C GLU B 267 -9.98 -4.74 -9.64
N ALA B 268 -9.94 -5.18 -10.90
CA ALA B 268 -10.82 -6.24 -11.37
C ALA B 268 -10.70 -7.48 -10.50
N GLY B 269 -11.84 -8.06 -10.15
CA GLY B 269 -11.89 -9.22 -9.26
C GLY B 269 -11.80 -8.93 -7.77
N GLU B 270 -11.93 -7.66 -7.37
CA GLU B 270 -11.88 -7.26 -5.95
C GLU B 270 -13.20 -6.66 -5.49
N PHE B 271 -13.48 -6.81 -4.19
CA PHE B 271 -14.69 -6.29 -3.54
C PHE B 271 -14.39 -5.05 -2.72
N MET B 272 -15.34 -4.10 -2.75
CA MET B 272 -15.35 -2.97 -1.81
C MET B 272 -16.64 -3.03 -0.99
N ILE B 273 -16.50 -2.90 0.33
CA ILE B 273 -17.62 -2.79 1.26
C ILE B 273 -17.65 -1.36 1.77
N THR B 274 -18.81 -0.71 1.68
CA THR B 274 -19.02 0.57 2.38
C THR B 274 -19.88 0.29 3.61
N PHE B 275 -19.65 1.06 4.66
CA PHE B 275 -20.26 0.86 5.97
C PHE B 275 -21.28 1.95 6.27
N PRO B 276 -22.22 1.70 7.18
CA PRO B 276 -23.23 2.70 7.50
C PRO B 276 -22.65 4.09 7.78
N TYR B 277 -23.21 5.08 7.10
CA TYR B 277 -22.82 6.48 7.21
C TYR B 277 -21.39 6.74 6.71
N GLY B 278 -20.89 5.88 5.84
CA GLY B 278 -19.58 6.07 5.23
C GLY B 278 -19.74 6.83 3.92
N TYR B 279 -19.53 8.15 3.97
CA TYR B 279 -19.53 8.95 2.74
C TYR B 279 -18.42 8.52 1.79
N HIS B 280 -18.76 8.39 0.51
CA HIS B 280 -17.78 8.03 -0.51
C HIS B 280 -18.10 8.56 -1.89
N ALA B 281 -17.05 8.63 -2.71
CA ALA B 281 -17.13 9.11 -4.09
C ALA B 281 -15.96 8.53 -4.87
N GLY B 282 -16.01 8.66 -6.19
CA GLY B 282 -14.90 8.20 -7.01
C GLY B 282 -15.13 8.30 -8.50
N PHE B 283 -14.26 7.61 -9.23
CA PHE B 283 -14.33 7.59 -10.69
C PHE B 283 -13.75 6.30 -11.29
N ASN B 284 -14.14 6.03 -12.53
CA ASN B 284 -13.62 4.89 -13.29
C ASN B 284 -12.46 5.29 -14.18
N HIS B 285 -11.46 4.41 -14.25
CA HIS B 285 -10.25 4.64 -15.04
C HIS B 285 -10.47 4.47 -16.53
N GLY B 286 -11.38 3.58 -16.89
CA GLY B 286 -11.61 3.23 -18.28
C GLY B 286 -12.73 2.21 -18.34
N PHE B 287 -12.81 1.48 -19.44
CA PHE B 287 -13.92 0.55 -19.65
C PHE B 287 -13.90 -0.55 -18.61
N ASN B 288 -15.01 -0.70 -17.90
CA ASN B 288 -15.14 -1.73 -16.86
C ASN B 288 -16.60 -2.06 -16.55
N CYS B 289 -16.81 -3.04 -15.67
CA CYS B 289 -18.15 -3.44 -15.24
C CYS B 289 -18.17 -3.81 -13.77
N ALA B 290 -19.09 -3.19 -13.01
CA ALA B 290 -19.21 -3.38 -11.56
C ALA B 290 -20.62 -3.79 -11.20
N GLU B 291 -20.74 -4.61 -10.16
CA GLU B 291 -22.04 -5.04 -9.66
C GLU B 291 -22.15 -4.67 -8.19
N SER B 292 -23.30 -4.13 -7.79
CA SER B 292 -23.50 -3.75 -6.39
C SER B 292 -24.95 -3.78 -5.89
N THR B 293 -25.07 -3.82 -4.56
CA THR B 293 -26.36 -3.78 -3.85
C THR B 293 -26.13 -3.39 -2.38
N ASN B 294 -27.22 -3.14 -1.66
CA ASN B 294 -27.16 -2.85 -0.23
C ASN B 294 -27.36 -4.11 0.61
N PHE B 295 -26.90 -4.05 1.85
CA PHE B 295 -27.16 -5.09 2.83
C PHE B 295 -27.08 -4.48 4.22
N ALA B 296 -27.34 -5.28 5.24
CA ALA B 296 -27.43 -4.81 6.62
C ALA B 296 -26.86 -5.82 7.63
N THR B 297 -26.62 -5.33 8.84
CA THR B 297 -26.28 -6.14 10.01
C THR B 297 -27.14 -5.62 11.14
N ARG B 298 -27.05 -6.24 12.31
CA ARG B 298 -27.81 -5.77 13.48
C ARG B 298 -27.41 -4.34 13.90
N ARG B 299 -26.14 -3.99 13.68
CA ARG B 299 -25.64 -2.65 13.95
C ARG B 299 -26.25 -1.56 13.06
N TRP B 300 -26.58 -1.90 11.81
CA TRP B 300 -27.27 -0.95 10.92
C TRP B 300 -28.56 -0.35 11.49
N ILE B 301 -29.33 -1.17 12.19
CA ILE B 301 -30.67 -0.77 12.64
C ILE B 301 -30.73 0.63 13.25
N GLU B 302 -29.80 0.95 14.13
CA GLU B 302 -29.78 2.26 14.78
C GLU B 302 -29.48 3.37 13.76
N TYR B 303 -28.54 3.12 12.85
CA TYR B 303 -28.27 4.03 11.72
C TYR B 303 -29.53 4.26 10.87
N GLY B 304 -30.24 3.15 10.58
CA GLY B 304 -31.51 3.21 9.85
C GLY B 304 -32.56 4.07 10.52
N LYS B 305 -32.70 3.91 11.83
CA LYS B 305 -33.63 4.71 12.63
C LYS B 305 -33.33 6.21 12.57
N GLN B 306 -32.05 6.57 12.56
CA GLN B 306 -31.62 7.97 12.64
C GLN B 306 -31.22 8.61 11.29
N ALA B 307 -31.36 7.88 10.18
CA ALA B 307 -30.96 8.39 8.87
C ALA B 307 -31.80 9.60 8.48
N VAL B 308 -31.16 10.72 8.16
CA VAL B 308 -31.85 11.89 7.61
C VAL B 308 -32.04 11.66 6.09
N LEU B 309 -33.31 11.65 5.65
CA LEU B 309 -33.68 11.33 4.27
C LEU B 309 -33.97 12.55 3.42
N CYS B 310 -33.99 12.33 2.11
CA CYS B 310 -34.34 13.39 1.14
C CYS B 310 -35.79 13.82 1.38
N SER B 311 -35.99 15.14 1.52
CA SER B 311 -37.31 15.72 1.80
C SER B 311 -38.00 16.36 0.58
N CYS B 312 -37.34 16.43 -0.57
CA CYS B 312 -37.84 17.19 -1.72
C CYS B 312 -38.32 16.36 -2.92
N ARG B 313 -38.28 15.04 -2.82
CA ARG B 313 -38.72 14.15 -3.89
C ARG B 313 -39.64 13.08 -3.31
N LYS B 314 -40.85 12.94 -3.88
CA LYS B 314 -41.81 11.90 -3.46
C LYS B 314 -41.24 10.49 -3.69
N ASP B 315 -40.69 10.28 -4.89
CA ASP B 315 -40.13 8.97 -5.28
C ASP B 315 -38.68 8.82 -4.81
N MET B 316 -38.50 8.60 -3.49
CA MET B 316 -37.19 8.29 -2.90
C MET B 316 -37.31 7.10 -1.97
N VAL B 317 -36.18 6.46 -1.71
CA VAL B 317 -36.14 5.20 -0.98
C VAL B 317 -36.34 5.43 0.54
N LYS B 318 -37.51 4.99 1.04
CA LYS B 318 -37.83 4.96 2.47
C LYS B 318 -38.11 3.54 2.87
N ILE B 319 -37.34 3.04 3.83
CA ILE B 319 -37.63 1.76 4.46
C ILE B 319 -38.32 2.02 5.80
N SER B 320 -39.41 1.28 6.03
CA SER B 320 -40.05 1.23 7.34
C SER B 320 -39.15 0.47 8.31
N MET B 321 -38.74 1.13 9.39
CA MET B 321 -37.87 0.51 10.41
C MET B 321 -38.61 -0.33 11.45
N ASP B 322 -39.94 -0.24 11.50
CA ASP B 322 -40.77 -0.99 12.45
C ASP B 322 -40.34 -2.45 12.63
N VAL B 323 -40.34 -3.19 11.53
CA VAL B 323 -40.07 -4.63 11.55
C VAL B 323 -38.74 -4.95 12.21
N PHE B 324 -37.74 -4.10 11.99
CA PHE B 324 -36.41 -4.25 12.58
C PHE B 324 -36.39 -3.94 14.06
N VAL B 325 -37.05 -2.87 14.46
CA VAL B 325 -37.10 -2.47 15.86
C VAL B 325 -37.88 -3.53 16.64
N ARG B 326 -39.01 -3.97 16.07
CA ARG B 326 -39.88 -4.97 16.70
C ARG B 326 -39.12 -6.26 16.98
N LYS B 327 -38.43 -6.76 15.97
CA LYS B 327 -37.71 -8.03 16.09
C LYS B 327 -36.41 -7.95 16.92
N PHE B 328 -35.58 -6.94 16.68
CA PHE B 328 -34.24 -6.89 17.29
C PHE B 328 -34.08 -5.97 18.49
N GLN B 329 -35.04 -5.06 18.70
CA GLN B 329 -35.01 -4.15 19.85
C GLN B 329 -36.38 -4.06 20.53
N PRO B 330 -36.99 -5.22 20.89
CA PRO B 330 -38.33 -5.23 21.48
C PRO B 330 -38.49 -4.38 22.74
N GLU B 331 -37.44 -4.31 23.56
CA GLU B 331 -37.42 -3.47 24.75
C GLU B 331 -37.54 -1.97 24.46
N ARG B 332 -37.06 -1.54 23.28
CA ARG B 332 -37.08 -0.13 22.88
C ARG B 332 -38.27 0.28 21.99
N TYR B 333 -39.05 -0.70 21.51
CA TYR B 333 -40.08 -0.44 20.50
C TYR B 333 -41.16 0.55 20.95
N LYS B 334 -41.65 0.38 22.18
CA LYS B 334 -42.67 1.28 22.73
C LYS B 334 -42.12 2.70 22.86
N LEU B 335 -40.90 2.80 23.37
CA LEU B 335 -40.20 4.09 23.50
C LEU B 335 -39.95 4.76 22.13
N TRP B 336 -39.53 3.97 21.15
CA TRP B 336 -39.23 4.47 19.80
C TRP B 336 -40.48 4.99 19.08
N LYS B 337 -41.57 4.23 19.10
CA LYS B 337 -42.87 4.65 18.53
C LYS B 337 -43.38 5.95 19.14
N ALA B 338 -43.08 6.16 20.43
CA ALA B 338 -43.42 7.42 21.11
C ALA B 338 -42.53 8.61 20.70
N GLY B 339 -41.45 8.36 19.95
CA GLY B 339 -40.49 9.39 19.54
C GLY B 339 -39.56 9.81 20.66
N LYS B 340 -39.25 8.87 21.57
CA LYS B 340 -38.49 9.17 22.78
C LYS B 340 -37.23 8.31 22.95
N ASP B 341 -36.81 7.63 21.89
CA ASP B 341 -35.59 6.81 21.91
C ASP B 341 -34.40 7.71 21.54
N ASN B 342 -33.59 8.06 22.55
CA ASN B 342 -32.43 8.95 22.38
C ASN B 342 -31.07 8.23 22.34
N THR B 343 -31.04 6.99 21.85
CA THR B 343 -29.79 6.27 21.63
C THR B 343 -28.82 7.10 20.77
N VAL B 344 -27.64 7.37 21.32
CA VAL B 344 -26.56 8.05 20.62
C VAL B 344 -25.67 6.98 20.02
N ILE B 345 -25.42 7.07 18.71
CA ILE B 345 -24.57 6.11 18.01
C ILE B 345 -23.09 6.41 18.28
N ASP B 346 -22.34 5.37 18.63
CA ASP B 346 -20.88 5.40 18.71
C ASP B 346 -20.37 4.68 17.46
N HIS B 347 -19.76 5.46 16.55
CA HIS B 347 -19.34 4.95 15.25
C HIS B 347 -18.19 3.93 15.30
N THR B 348 -17.52 3.82 16.45
CA THR B 348 -16.37 2.92 16.60
C THR B 348 -16.76 1.48 16.96
N LEU B 349 -17.94 1.28 17.53
CA LEU B 349 -18.34 -0.07 17.98
C LEU B 349 -18.55 -1.03 16.80
N PRO B 350 -17.97 -2.25 16.88
CA PRO B 350 -18.33 -3.28 15.90
C PRO B 350 -19.73 -3.86 16.13
N THR B 351 -20.27 -4.50 15.10
CA THR B 351 -21.61 -5.10 15.16
C THR B 351 -21.59 -6.26 16.18
N PRO B 352 -22.67 -6.43 16.97
CA PRO B 352 -22.68 -7.45 18.05
C PRO B 352 -22.36 -8.89 17.62
N GLU B 353 -22.65 -9.22 16.35
CA GLU B 353 -22.29 -10.53 15.76
C GLU B 353 -20.79 -10.85 15.79
N ALA B 354 -19.95 -9.81 15.90
CA ALA B 354 -18.49 -9.95 15.99
C ALA B 354 -17.96 -10.46 17.33
N ALA B 355 -18.75 -10.34 18.40
CA ALA B 355 -18.23 -10.44 19.78
C ALA B 355 -17.44 -11.73 20.03
N GLU B 356 -18.00 -12.83 19.54
CA GLU B 356 -17.24 -14.09 19.30
C GLU B 356 -15.74 -13.92 18.95
N PHE B 357 -15.41 -12.93 18.13
CA PHE B 357 -14.03 -12.54 17.90
C PHE B 357 -13.58 -11.62 19.03
NI NI C . 20.28 -1.40 3.91
ZN ZN D . 16.13 11.69 13.39
S SO4 E . 5.00 7.60 18.70
O1 SO4 E . 4.66 6.17 18.66
O2 SO4 E . 5.95 7.90 17.61
O3 SO4 E . 3.79 8.44 18.52
O4 SO4 E . 5.64 7.93 19.99
N1 5V1 F . 20.75 -3.22 5.23
C4 5V1 F . 20.32 -4.47 4.96
C5 5V1 F . 21.59 -3.04 6.28
C6 5V1 F . 22.06 -1.61 6.51
C7 5V1 F . 23.16 -1.36 4.36
C8 5V1 F . 24.56 -0.95 4.74
C10 5V1 F . 26.63 -1.45 5.86
C13 5V1 F . 25.08 0.27 4.36
O1 5V1 F . 22.27 -7.61 7.00
C1 5V1 F . 21.98 -6.51 7.65
C2 5V1 F . 21.56 -5.37 6.79
C3 5V1 F . 20.69 -5.56 5.72
N2 5V1 F . 22.15 -0.83 5.28
C9 5V1 F . 25.35 -1.81 5.50
C11 5V1 F . 27.13 -0.24 5.48
C12 5V1 F . 26.36 0.63 4.73
C14 5V1 F . 22.01 -4.09 7.08
O2 5V1 F . 22.05 -6.41 8.87
NI NI G . -22.47 3.79 -2.86
ZN ZN H . -33.92 15.96 -1.78
S SO4 I . -26.86 26.54 -4.28
O1 SO4 I . -27.18 25.34 -3.48
O2 SO4 I . -25.87 26.17 -5.33
O3 SO4 I . -28.10 27.05 -4.91
O4 SO4 I . -26.29 27.59 -3.41
N1 5V1 J . -21.72 3.63 -4.91
C4 5V1 J . -20.40 3.55 -5.19
C5 5V1 J . -22.59 3.53 -5.94
C6 5V1 J . -24.06 3.61 -5.57
C7 5V1 J . -24.20 1.58 -4.24
C8 5V1 J . -25.47 0.87 -4.65
C10 5V1 J . -27.60 -0.10 -4.08
C13 5V1 J . -25.71 0.56 -5.98
O1 5V1 J . -19.64 2.10 -9.23
C1 5V1 J . -20.34 3.06 -8.91
C2 5V1 J . -20.81 3.26 -7.51
C3 5V1 J . -19.91 3.36 -6.47
N2 5V1 J . -24.37 3.05 -4.27
C9 5V1 J . -26.43 0.54 -3.70
C11 5V1 J . -27.82 -0.42 -5.40
C12 5V1 J . -26.88 -0.09 -6.35
C14 5V1 J . -22.17 3.34 -7.24
O2 5V1 J . -20.73 3.98 -9.76
#